data_3M2M
#
_entry.id   3M2M
#
_cell.length_a   40.100
_cell.length_b   58.600
_cell.length_c   121.600
_cell.angle_alpha   101.100
_cell.angle_beta   91.600
_cell.angle_gamma   110.900
#
_symmetry.space_group_name_H-M   'P 1'
#
loop_
_entity.id
_entity.type
_entity.pdbx_description
1 polymer Galectin-1
2 branched beta-D-galactopyranose-(1-4)-beta-D-glucopyranose
#
_entity_poly.entity_id   1
_entity_poly.type   'polypeptide(L)'
_entity_poly.pdbx_seq_one_letter_code
;ACGLVASNLNLKPGECLKVRGELAPDAKSFVLNLGKDSNNLCLHFNPRFNAHGDANTIVCNSKDDGTWGTEQRETAFPFQ
PGSITEV(CSO)ITFDQADLTIKLPDGHEFKFPNRLNMEAINYMAADGDFKIK(CSO)VAFE
;
_entity_poly.pdbx_strand_id   A,B,C,D,E,F,G,H
#
loop_
_chem_comp.id
_chem_comp.type
_chem_comp.name
_chem_comp.formula
BGC D-saccharide, beta linking beta-D-glucopyranose 'C6 H12 O6'
GAL D-saccharide, beta linking beta-D-galactopyranose 'C6 H12 O6'
#
# COMPACT_ATOMS: atom_id res chain seq x y z
N GLY A 3 -38.41 -23.99 6.36
CA GLY A 3 -37.73 -25.23 6.89
C GLY A 3 -36.73 -24.98 8.02
N LEU A 4 -36.65 -25.91 8.97
CA LEU A 4 -35.74 -25.77 10.12
C LEU A 4 -34.27 -25.67 9.74
N VAL A 5 -33.55 -24.73 10.33
CA VAL A 5 -32.13 -24.56 10.05
C VAL A 5 -31.31 -24.66 11.33
N ALA A 6 -30.27 -25.46 11.31
CA ALA A 6 -29.43 -25.64 12.49
C ALA A 6 -27.95 -25.48 12.15
N SER A 7 -27.28 -24.61 12.88
CA SER A 7 -25.86 -24.37 12.67
C SER A 7 -25.06 -24.65 13.93
N ASN A 8 -23.74 -24.69 13.80
CA ASN A 8 -22.86 -24.98 14.92
C ASN A 8 -22.82 -26.43 15.31
N LEU A 9 -23.81 -27.20 14.85
CA LEU A 9 -23.81 -28.62 15.18
C LEU A 9 -22.56 -29.19 14.53
N ASN A 10 -21.54 -29.47 15.33
CA ASN A 10 -20.30 -29.98 14.78
C ASN A 10 -20.20 -31.49 14.75
N LEU A 11 -20.63 -32.07 13.65
CA LEU A 11 -20.57 -33.50 13.45
C LEU A 11 -19.15 -33.84 13.00
N LYS A 12 -18.51 -34.70 13.76
CA LYS A 12 -17.17 -35.12 13.45
C LYS A 12 -17.27 -36.51 12.83
N PRO A 13 -16.32 -36.85 11.94
CA PRO A 13 -16.33 -38.16 11.28
C PRO A 13 -16.65 -39.31 12.24
N GLY A 14 -17.54 -40.20 11.81
CA GLY A 14 -17.90 -41.31 12.66
C GLY A 14 -19.19 -41.10 13.40
N GLU A 15 -19.54 -39.84 13.66
CA GLU A 15 -20.79 -39.55 14.37
C GLU A 15 -22.00 -39.78 13.45
N CYS A 16 -23.15 -40.08 14.07
CA CYS A 16 -24.38 -40.34 13.32
C CYS A 16 -25.46 -39.32 13.65
N LEU A 17 -26.01 -38.71 12.61
CA LEU A 17 -27.07 -37.73 12.75
C LEU A 17 -28.37 -38.37 12.29
N LYS A 18 -29.34 -38.48 13.20
CA LYS A 18 -30.62 -39.08 12.86
C LYS A 18 -31.67 -37.98 12.79
N VAL A 19 -32.40 -37.94 11.67
CA VAL A 19 -33.45 -36.95 11.49
C VAL A 19 -34.76 -37.69 11.32
N ARG A 20 -35.78 -37.26 12.05
CA ARG A 20 -37.09 -37.89 11.98
C ARG A 20 -38.16 -36.83 11.70
N GLY A 21 -39.08 -37.13 10.80
CA GLY A 21 -40.13 -36.16 10.49
C GLY A 21 -41.29 -36.78 9.74
N GLU A 22 -42.31 -35.98 9.46
CA GLU A 22 -43.45 -36.47 8.74
C GLU A 22 -43.67 -35.81 7.39
N LEU A 23 -43.87 -36.65 6.37
CA LEU A 23 -44.10 -36.21 5.00
C LEU A 23 -45.52 -35.68 4.84
N ALA A 24 -45.67 -34.57 4.10
CA ALA A 24 -46.98 -33.98 3.85
C ALA A 24 -47.82 -35.03 3.11
N PRO A 25 -49.16 -34.95 3.24
CA PRO A 25 -50.08 -35.90 2.59
C PRO A 25 -49.96 -35.97 1.07
N ASP A 26 -49.48 -34.89 0.47
CA ASP A 26 -49.33 -34.82 -0.97
C ASP A 26 -47.88 -34.48 -1.30
N ALA A 27 -46.95 -35.06 -0.53
CA ALA A 27 -45.53 -34.81 -0.71
C ALA A 27 -45.03 -34.86 -2.17
N LYS A 28 -44.47 -33.75 -2.62
CA LYS A 28 -43.91 -33.69 -3.98
C LYS A 28 -42.40 -33.96 -3.89
N SER A 29 -41.79 -33.45 -2.83
CA SER A 29 -40.36 -33.63 -2.60
C SER A 29 -39.94 -32.89 -1.34
N PHE A 30 -38.88 -33.35 -0.71
CA PHE A 30 -38.38 -32.68 0.47
C PHE A 30 -36.85 -32.65 0.42
N VAL A 31 -36.24 -31.80 1.24
CA VAL A 31 -34.79 -31.65 1.22
C VAL A 31 -34.12 -31.66 2.58
N LEU A 32 -32.85 -32.06 2.55
CA LEU A 32 -31.98 -32.13 3.71
C LEU A 32 -30.61 -31.67 3.21
N ASN A 33 -30.12 -30.55 3.75
CA ASN A 33 -28.82 -30.05 3.33
C ASN A 33 -27.82 -30.08 4.47
N LEU A 34 -26.61 -30.54 4.18
CA LEU A 34 -25.54 -30.63 5.17
C LEU A 34 -24.24 -30.02 4.64
N GLY A 35 -23.52 -29.27 5.47
CA GLY A 35 -22.29 -28.66 5.01
C GLY A 35 -21.75 -27.65 5.99
N LYS A 36 -21.17 -26.56 5.47
CA LYS A 36 -20.61 -25.51 6.31
C LYS A 36 -21.57 -24.34 6.44
N ASP A 37 -22.25 -24.07 5.34
CA ASP A 37 -23.22 -22.97 5.27
C ASP A 37 -24.14 -23.24 4.10
N SER A 38 -25.15 -22.41 3.93
CA SER A 38 -26.11 -22.59 2.85
C SER A 38 -25.52 -22.72 1.44
N ASN A 39 -24.32 -22.19 1.23
CA ASN A 39 -23.70 -22.26 -0.10
C ASN A 39 -22.60 -23.29 -0.26
N ASN A 40 -22.30 -24.02 0.81
CA ASN A 40 -21.28 -25.04 0.76
C ASN A 40 -21.75 -26.33 1.39
N LEU A 41 -22.47 -27.10 0.61
CA LEU A 41 -23.06 -28.35 1.04
C LEU A 41 -22.30 -29.58 0.57
N CYS A 42 -21.95 -30.45 1.51
CA CYS A 42 -21.27 -31.68 1.17
C CYS A 42 -22.34 -32.71 0.76
N LEU A 43 -23.57 -32.43 1.14
CA LEU A 43 -24.69 -33.30 0.80
C LEU A 43 -26.02 -32.58 0.63
N HIS A 44 -26.67 -32.84 -0.50
CA HIS A 44 -27.97 -32.28 -0.81
C HIS A 44 -28.84 -33.50 -1.05
N PHE A 45 -29.61 -33.88 -0.02
CA PHE A 45 -30.48 -35.05 -0.09
C PHE A 45 -31.88 -34.65 -0.54
N ASN A 46 -32.16 -34.80 -1.83
CA ASN A 46 -33.45 -34.41 -2.38
C ASN A 46 -34.29 -35.53 -2.97
N PRO A 47 -35.01 -36.29 -2.13
CA PRO A 47 -35.83 -37.35 -2.71
C PRO A 47 -37.05 -36.67 -3.33
N ARG A 48 -37.36 -37.06 -4.57
CA ARG A 48 -38.49 -36.47 -5.30
C ARG A 48 -39.60 -37.45 -5.60
N PHE A 49 -40.73 -37.29 -4.92
CA PHE A 49 -41.88 -38.15 -5.14
C PHE A 49 -42.34 -37.88 -6.56
N ASN A 50 -42.35 -36.58 -6.90
CA ASN A 50 -42.76 -36.13 -8.21
C ASN A 50 -42.43 -34.63 -8.41
N ALA A 51 -41.28 -34.35 -9.01
CA ALA A 51 -40.86 -32.98 -9.24
C ALA A 51 -39.66 -32.91 -10.20
N HIS A 52 -39.62 -31.83 -10.98
CA HIS A 52 -38.54 -31.59 -11.94
C HIS A 52 -38.46 -32.67 -13.02
N GLY A 53 -39.53 -33.43 -13.18
CA GLY A 53 -39.54 -34.47 -14.19
C GLY A 53 -39.12 -35.83 -13.66
N ASP A 54 -38.94 -35.92 -12.34
CA ASP A 54 -38.53 -37.18 -11.70
C ASP A 54 -39.59 -37.69 -10.72
N ALA A 55 -39.82 -39.00 -10.73
CA ALA A 55 -40.80 -39.57 -9.81
C ALA A 55 -40.13 -40.68 -9.00
N ASN A 56 -40.49 -40.77 -7.73
CA ASN A 56 -39.96 -41.79 -6.83
C ASN A 56 -38.46 -42.05 -7.01
N THR A 57 -37.70 -40.97 -7.04
CA THR A 57 -36.26 -41.04 -7.19
C THR A 57 -35.54 -40.06 -6.27
N ILE A 58 -34.44 -40.53 -5.66
CA ILE A 58 -33.66 -39.71 -4.76
C ILE A 58 -32.54 -39.06 -5.55
N VAL A 59 -32.44 -37.75 -5.47
CA VAL A 59 -31.37 -37.03 -6.16
C VAL A 59 -30.40 -36.45 -5.15
N CYS A 60 -29.12 -36.81 -5.27
CA CYS A 60 -28.09 -36.30 -4.37
C CYS A 60 -27.15 -35.37 -5.13
N ASN A 61 -26.48 -34.49 -4.39
CA ASN A 61 -25.55 -33.55 -5.02
C ASN A 61 -24.78 -32.79 -3.95
N SER A 62 -23.81 -32.01 -4.39
CA SER A 62 -23.01 -31.16 -3.51
C SER A 62 -23.01 -29.75 -4.11
N LYS A 63 -22.77 -28.76 -3.27
CA LYS A 63 -22.71 -27.37 -3.74
C LYS A 63 -21.42 -26.70 -3.25
N ASP A 64 -20.71 -26.09 -4.18
CA ASP A 64 -19.47 -25.41 -3.86
C ASP A 64 -19.60 -23.91 -4.13
N ASP A 65 -19.51 -23.11 -3.07
CA ASP A 65 -19.64 -21.67 -3.20
C ASP A 65 -20.85 -21.29 -4.05
N GLY A 66 -21.96 -22.00 -3.84
CA GLY A 66 -23.17 -21.70 -4.58
C GLY A 66 -23.44 -22.42 -5.89
N THR A 67 -22.44 -23.08 -6.47
CA THR A 67 -22.68 -23.77 -7.73
C THR A 67 -22.81 -25.29 -7.52
N TRP A 68 -23.84 -25.89 -8.10
CA TRP A 68 -24.08 -27.32 -7.95
C TRP A 68 -23.02 -28.22 -8.60
N GLY A 69 -22.93 -29.45 -8.10
CA GLY A 69 -21.98 -30.40 -8.66
C GLY A 69 -22.71 -31.38 -9.56
N THR A 70 -22.12 -32.55 -9.77
CA THR A 70 -22.73 -33.57 -10.61
C THR A 70 -23.78 -34.35 -9.84
N GLU A 71 -24.93 -34.56 -10.45
CA GLU A 71 -26.01 -35.28 -9.81
C GLU A 71 -25.82 -36.80 -9.82
N GLN A 72 -26.15 -37.43 -8.69
CA GLN A 72 -26.07 -38.88 -8.53
C GLN A 72 -27.48 -39.29 -8.10
N ARG A 73 -28.10 -40.17 -8.87
CA ARG A 73 -29.45 -40.61 -8.56
C ARG A 73 -29.55 -42.02 -8.04
N GLU A 74 -30.41 -42.21 -7.05
CA GLU A 74 -30.61 -43.54 -6.47
C GLU A 74 -32.02 -44.01 -6.73
N THR A 75 -32.13 -45.25 -7.20
CA THR A 75 -33.41 -45.86 -7.52
C THR A 75 -34.26 -46.22 -6.28
N ALA A 76 -33.60 -46.64 -5.20
CA ALA A 76 -34.26 -47.00 -3.94
C ALA A 76 -35.13 -45.83 -3.46
N PHE A 77 -36.37 -46.10 -3.05
CA PHE A 77 -37.25 -45.02 -2.61
C PHE A 77 -38.32 -45.49 -1.63
N PRO A 78 -37.90 -45.74 -0.37
CA PRO A 78 -38.83 -46.20 0.67
C PRO A 78 -39.62 -45.09 1.34
N PHE A 79 -40.30 -44.25 0.57
CA PHE A 79 -41.08 -43.15 1.15
C PHE A 79 -42.53 -43.11 0.70
N GLN A 80 -43.40 -42.63 1.58
CA GLN A 80 -44.83 -42.53 1.30
C GLN A 80 -45.39 -41.22 1.83
N PRO A 81 -46.26 -40.54 1.05
CA PRO A 81 -46.84 -39.28 1.50
C PRO A 81 -47.66 -39.46 2.78
N GLY A 82 -47.83 -38.37 3.53
CA GLY A 82 -48.60 -38.42 4.76
C GLY A 82 -48.21 -39.50 5.76
N SER A 83 -46.91 -39.74 5.91
CA SER A 83 -46.43 -40.73 6.86
C SER A 83 -45.18 -40.18 7.55
N ILE A 84 -44.69 -40.88 8.57
CA ILE A 84 -43.50 -40.44 9.29
C ILE A 84 -42.32 -41.37 9.00
N THR A 85 -41.16 -40.76 8.74
CA THR A 85 -39.94 -41.53 8.49
C THR A 85 -38.76 -40.84 9.10
N GLU A 86 -37.60 -41.45 8.93
CA GLU A 86 -36.38 -40.88 9.46
C GLU A 86 -35.24 -41.31 8.56
N VAL A 87 -34.18 -40.52 8.59
CA VAL A 87 -33.02 -40.79 7.77
C VAL A 87 -31.83 -40.70 8.72
N CSO A 88 -30.91 -41.66 8.59
CA CSO A 88 -29.70 -41.71 9.40
CB CSO A 88 -29.55 -43.12 10.00
SG CSO A 88 -30.93 -43.74 11.14
C CSO A 88 -28.55 -41.37 8.45
O CSO A 88 -28.47 -41.94 7.35
OD CSO A 88 -31.68 -44.80 10.21
N ILE A 89 -27.69 -40.44 8.85
CA ILE A 89 -26.54 -40.02 8.03
C ILE A 89 -25.24 -40.04 8.82
N THR A 90 -24.22 -40.67 8.25
CA THR A 90 -22.91 -40.74 8.91
C THR A 90 -21.88 -40.24 7.91
N PHE A 91 -20.65 -39.99 8.36
CA PHE A 91 -19.65 -39.54 7.40
C PHE A 91 -18.20 -39.72 7.84
N ASP A 92 -17.31 -39.65 6.85
CA ASP A 92 -15.87 -39.76 7.03
C ASP A 92 -15.21 -39.18 5.78
N GLN A 93 -13.90 -38.98 5.82
CA GLN A 93 -13.18 -38.42 4.68
C GLN A 93 -13.65 -39.00 3.35
N ALA A 94 -13.80 -40.32 3.34
CA ALA A 94 -14.23 -41.05 2.15
C ALA A 94 -15.49 -40.47 1.55
N ASP A 95 -16.62 -40.77 2.19
CA ASP A 95 -17.91 -40.28 1.74
C ASP A 95 -18.93 -40.33 2.87
N LEU A 96 -20.14 -39.87 2.57
CA LEU A 96 -21.21 -39.88 3.55
C LEU A 96 -22.02 -41.14 3.29
N THR A 97 -22.68 -41.64 4.33
CA THR A 97 -23.48 -42.84 4.19
C THR A 97 -24.92 -42.58 4.61
N ILE A 98 -25.82 -42.52 3.63
CA ILE A 98 -27.22 -42.30 3.93
C ILE A 98 -27.86 -43.65 4.20
N LYS A 99 -28.54 -43.77 5.33
CA LYS A 99 -29.18 -45.01 5.69
C LYS A 99 -30.68 -44.84 5.73
N LEU A 100 -31.37 -45.43 4.77
CA LEU A 100 -32.82 -45.31 4.67
C LEU A 100 -33.56 -46.16 5.69
N PRO A 101 -34.78 -45.74 6.05
CA PRO A 101 -35.62 -46.45 7.03
C PRO A 101 -35.95 -47.90 6.69
N ASP A 102 -35.92 -48.23 5.39
CA ASP A 102 -36.25 -49.59 4.94
C ASP A 102 -35.07 -50.53 5.06
N GLY A 103 -34.02 -50.07 5.73
CA GLY A 103 -32.85 -50.92 5.91
C GLY A 103 -31.60 -50.62 5.13
N HIS A 104 -31.68 -50.62 3.79
CA HIS A 104 -30.48 -50.38 3.00
C HIS A 104 -30.00 -48.94 2.94
N GLU A 105 -28.69 -48.83 2.73
CA GLU A 105 -27.99 -47.56 2.68
C GLU A 105 -27.11 -47.47 1.46
N PHE A 106 -26.84 -46.24 1.01
CA PHE A 106 -25.96 -46.02 -0.13
C PHE A 106 -24.94 -44.92 0.22
N LYS A 107 -23.91 -44.77 -0.61
CA LYS A 107 -22.91 -43.78 -0.33
C LYS A 107 -22.82 -42.66 -1.36
N PHE A 108 -22.37 -41.50 -0.89
CA PHE A 108 -22.19 -40.32 -1.71
C PHE A 108 -20.83 -39.76 -1.30
N PRO A 109 -19.91 -39.59 -2.27
CA PRO A 109 -18.55 -39.06 -2.05
C PRO A 109 -18.46 -37.68 -1.46
N ASN A 110 -17.56 -37.53 -0.48
CA ASN A 110 -17.34 -36.24 0.19
C ASN A 110 -16.48 -35.31 -0.68
N ARG A 111 -17.02 -34.92 -1.83
CA ARG A 111 -16.32 -34.05 -2.78
C ARG A 111 -15.61 -32.83 -2.18
N LEU A 112 -16.34 -32.00 -1.42
CA LEU A 112 -15.76 -30.81 -0.81
C LEU A 112 -14.69 -31.15 0.21
N ASN A 113 -14.53 -32.43 0.47
CA ASN A 113 -13.52 -32.92 1.40
C ASN A 113 -13.49 -32.25 2.76
N MET A 114 -14.66 -31.97 3.33
CA MET A 114 -14.69 -31.33 4.63
C MET A 114 -14.69 -32.36 5.71
N GLU A 115 -14.12 -32.00 6.86
CA GLU A 115 -14.04 -32.93 7.98
C GLU A 115 -14.93 -32.58 9.18
N ALA A 116 -16.02 -31.85 8.94
CA ALA A 116 -16.93 -31.48 10.02
C ALA A 116 -18.21 -30.82 9.49
N ILE A 117 -19.34 -31.51 9.64
CA ILE A 117 -20.60 -30.93 9.22
C ILE A 117 -20.94 -29.92 10.32
N ASN A 118 -21.37 -28.72 9.93
CA ASN A 118 -21.71 -27.70 10.92
C ASN A 118 -23.04 -27.05 10.61
N TYR A 119 -23.56 -27.31 9.42
CA TYR A 119 -24.80 -26.73 9.00
C TYR A 119 -25.77 -27.80 8.57
N MET A 120 -27.06 -27.54 8.81
CA MET A 120 -28.12 -28.46 8.43
C MET A 120 -29.36 -27.66 8.13
N ALA A 121 -30.09 -28.08 7.10
CA ALA A 121 -31.30 -27.37 6.75
C ALA A 121 -32.31 -28.32 6.10
N ALA A 122 -33.55 -28.25 6.54
CA ALA A 122 -34.60 -29.09 5.99
C ALA A 122 -35.48 -28.19 5.11
N ASP A 123 -36.00 -28.75 4.04
CA ASP A 123 -36.84 -27.97 3.14
C ASP A 123 -37.83 -28.91 2.46
N GLY A 124 -38.82 -28.36 1.77
CA GLY A 124 -39.80 -29.18 1.08
C GLY A 124 -40.98 -29.61 1.93
N ASP A 125 -41.61 -30.72 1.55
CA ASP A 125 -42.77 -31.24 2.25
C ASP A 125 -42.38 -32.22 3.34
N PHE A 126 -41.57 -31.76 4.28
CA PHE A 126 -41.07 -32.58 5.37
C PHE A 126 -41.05 -31.76 6.66
N LYS A 127 -41.82 -32.20 7.66
CA LYS A 127 -41.86 -31.47 8.92
C LYS A 127 -41.12 -32.27 9.98
N ILE A 128 -40.00 -31.74 10.43
CA ILE A 128 -39.17 -32.40 11.44
C ILE A 128 -39.83 -32.48 12.80
N LYS A 129 -39.70 -33.63 13.46
CA LYS A 129 -40.27 -33.82 14.79
C LYS A 129 -39.17 -34.12 15.80
N CSO A 130 -38.11 -34.77 15.35
CA CSO A 130 -37.00 -35.14 16.20
CB CSO A 130 -37.21 -36.57 16.70
SG CSO A 130 -35.77 -37.36 17.50
C CSO A 130 -35.69 -35.03 15.43
O CSO A 130 -35.66 -35.14 14.21
OD CSO A 130 -35.38 -38.46 16.39
N VAL A 131 -34.60 -34.82 16.17
CA VAL A 131 -33.27 -34.72 15.60
C VAL A 131 -32.36 -35.23 16.68
N ALA A 132 -31.56 -36.24 16.39
CA ALA A 132 -30.65 -36.79 17.39
C ALA A 132 -29.20 -36.83 16.91
N PHE A 133 -28.27 -36.80 17.86
CA PHE A 133 -26.85 -36.84 17.54
C PHE A 133 -26.23 -37.97 18.32
N GLU A 134 -26.27 -39.17 17.76
CA GLU A 134 -25.69 -40.32 18.41
C GLU A 134 -24.48 -40.85 17.62
N GLY B 3 -22.01 -23.57 20.84
CA GLY B 3 -23.41 -24.01 21.23
C GLY B 3 -24.36 -24.13 20.04
N LEU B 4 -25.13 -25.22 19.99
CA LEU B 4 -26.07 -25.44 18.88
C LEU B 4 -27.12 -24.35 18.72
N VAL B 5 -27.44 -24.01 17.48
CA VAL B 5 -28.42 -22.97 17.24
C VAL B 5 -29.39 -23.40 16.15
N ALA B 6 -30.68 -23.38 16.47
CA ALA B 6 -31.70 -23.76 15.50
C ALA B 6 -32.63 -22.58 15.26
N SER B 7 -33.07 -22.41 14.02
CA SER B 7 -34.00 -21.32 13.71
C SER B 7 -35.09 -21.86 12.78
N ASN B 8 -36.09 -21.05 12.47
CA ASN B 8 -37.17 -21.48 11.60
C ASN B 8 -37.89 -22.65 12.22
N LEU B 9 -37.65 -22.89 13.50
CA LEU B 9 -38.31 -24.01 14.16
C LEU B 9 -39.67 -23.54 14.63
N ASN B 10 -40.52 -23.22 13.65
CA ASN B 10 -41.86 -22.73 13.91
C ASN B 10 -42.59 -23.56 14.96
N LEU B 11 -42.59 -23.07 16.19
CA LEU B 11 -43.21 -23.75 17.31
C LEU B 11 -44.42 -22.91 17.71
N LYS B 12 -45.58 -23.54 17.81
CA LYS B 12 -46.79 -22.81 18.18
C LYS B 12 -47.33 -23.18 19.57
N PRO B 13 -48.20 -22.33 20.14
CA PRO B 13 -48.76 -22.61 21.47
C PRO B 13 -49.46 -23.97 21.53
N GLY B 14 -49.14 -24.75 22.55
CA GLY B 14 -49.75 -26.05 22.68
C GLY B 14 -48.76 -27.14 22.32
N GLU B 15 -47.66 -26.76 21.67
CA GLU B 15 -46.62 -27.74 21.30
C GLU B 15 -45.59 -27.78 22.39
N CYS B 16 -44.95 -28.94 22.54
CA CYS B 16 -43.93 -29.12 23.57
C CYS B 16 -42.56 -29.30 22.95
N LEU B 17 -41.61 -28.47 23.36
CA LEU B 17 -40.25 -28.57 22.86
C LEU B 17 -39.45 -29.34 23.90
N LYS B 18 -38.94 -30.51 23.52
CA LYS B 18 -38.13 -31.32 24.43
C LYS B 18 -36.66 -31.22 24.04
N VAL B 19 -35.82 -30.82 25.00
CA VAL B 19 -34.39 -30.68 24.76
C VAL B 19 -33.61 -31.58 25.70
N ARG B 20 -32.74 -32.41 25.14
CA ARG B 20 -31.94 -33.31 25.95
C ARG B 20 -30.46 -33.22 25.62
N GLY B 21 -29.63 -33.11 26.65
CA GLY B 21 -28.19 -33.03 26.43
C GLY B 21 -27.46 -33.57 27.64
N GLU B 22 -26.13 -33.49 27.62
CA GLU B 22 -25.37 -33.96 28.76
C GLU B 22 -24.54 -32.82 29.31
N LEU B 23 -24.51 -32.71 30.64
CA LEU B 23 -23.74 -31.67 31.29
C LEU B 23 -22.28 -32.13 31.35
N ALA B 24 -21.37 -31.17 31.25
CA ALA B 24 -19.95 -31.47 31.31
C ALA B 24 -19.71 -31.98 32.71
N PRO B 25 -18.57 -32.66 32.93
CA PRO B 25 -18.30 -33.18 34.27
C PRO B 25 -18.22 -32.06 35.32
N ASP B 26 -17.57 -30.97 34.94
CA ASP B 26 -17.40 -29.81 35.82
C ASP B 26 -18.44 -28.75 35.51
N ALA B 27 -19.62 -29.20 35.09
CA ALA B 27 -20.72 -28.31 34.74
C ALA B 27 -21.08 -27.36 35.89
N LYS B 28 -21.05 -26.06 35.61
CA LYS B 28 -21.39 -25.04 36.59
C LYS B 28 -22.76 -24.44 36.26
N SER B 29 -22.97 -24.13 34.98
CA SER B 29 -24.23 -23.56 34.51
C SER B 29 -24.38 -23.80 33.02
N PHE B 30 -25.56 -23.49 32.49
CA PHE B 30 -25.80 -23.63 31.07
C PHE B 30 -26.97 -22.75 30.69
N VAL B 31 -27.14 -22.51 29.39
CA VAL B 31 -28.20 -21.62 28.92
C VAL B 31 -29.02 -22.11 27.73
N LEU B 32 -30.30 -21.73 27.74
CA LEU B 32 -31.23 -22.05 26.67
C LEU B 32 -31.92 -20.75 26.31
N ASN B 33 -31.79 -20.30 25.06
CA ASN B 33 -32.45 -19.06 24.67
C ASN B 33 -33.54 -19.38 23.66
N LEU B 34 -34.72 -18.80 23.86
CA LEU B 34 -35.83 -19.02 22.94
C LEU B 34 -36.43 -17.68 22.52
N GLY B 35 -36.92 -17.60 21.29
CA GLY B 35 -37.52 -16.35 20.82
C GLY B 35 -37.68 -16.28 19.32
N LYS B 36 -37.45 -15.09 18.76
CA LYS B 36 -37.53 -14.86 17.31
C LYS B 36 -36.11 -14.88 16.72
N ASP B 37 -35.20 -14.24 17.42
CA ASP B 37 -33.81 -14.17 17.02
C ASP B 37 -32.98 -13.94 18.27
N SER B 38 -31.68 -13.76 18.07
CA SER B 38 -30.75 -13.54 19.17
C SER B 38 -31.04 -12.30 20.03
N ASN B 39 -31.79 -11.34 19.50
CA ASN B 39 -32.10 -10.13 20.24
C ASN B 39 -33.52 -10.05 20.77
N ASN B 40 -34.34 -11.04 20.47
CA ASN B 40 -35.71 -11.03 20.92
C ASN B 40 -36.05 -12.38 21.48
N LEU B 41 -35.77 -12.52 22.77
CA LEU B 41 -35.96 -13.75 23.49
C LEU B 41 -37.08 -13.67 24.50
N CYS B 42 -38.06 -14.56 24.36
CA CYS B 42 -39.17 -14.61 25.29
C CYS B 42 -38.70 -15.40 26.54
N LEU B 43 -37.63 -16.17 26.38
CA LEU B 43 -37.08 -16.94 27.48
C LEU B 43 -35.57 -17.13 27.47
N HIS B 44 -34.94 -16.75 28.57
CA HIS B 44 -33.51 -16.92 28.78
C HIS B 44 -33.43 -17.83 30.01
N PHE B 45 -33.35 -19.14 29.78
CA PHE B 45 -33.30 -20.12 30.84
C PHE B 45 -31.85 -20.38 31.23
N ASN B 46 -31.48 -19.95 32.43
CA ASN B 46 -30.10 -20.09 32.90
C ASN B 46 -29.96 -20.69 34.30
N PRO B 47 -29.94 -22.04 34.39
CA PRO B 47 -29.79 -22.73 35.68
C PRO B 47 -28.35 -22.68 36.14
N ARG B 48 -28.16 -22.67 37.47
CA ARG B 48 -26.82 -22.64 38.06
C ARG B 48 -26.68 -23.52 39.30
N PHE B 49 -25.49 -24.06 39.44
CA PHE B 49 -25.07 -24.93 40.55
C PHE B 49 -23.94 -24.10 41.12
N ASN B 50 -23.60 -23.08 40.31
CA ASN B 50 -22.57 -22.08 40.55
C ASN B 50 -22.54 -21.19 39.29
N ALA B 55 -25.60 -18.65 43.32
CA ALA B 55 -25.32 -19.86 44.15
C ALA B 55 -26.46 -20.87 44.07
N ASN B 56 -26.48 -21.66 42.99
CA ASN B 56 -27.51 -22.66 42.80
C ASN B 56 -28.90 -22.04 42.72
N THR B 57 -29.26 -21.61 41.51
CA THR B 57 -30.55 -20.99 41.27
C THR B 57 -30.82 -21.02 39.77
N ILE B 58 -32.04 -20.66 39.37
CA ILE B 58 -32.40 -20.61 37.96
C ILE B 58 -32.77 -19.19 37.57
N VAL B 59 -31.84 -18.48 36.94
CA VAL B 59 -32.13 -17.13 36.51
C VAL B 59 -32.97 -17.23 35.23
N CYS B 60 -34.02 -16.42 35.16
CA CYS B 60 -34.89 -16.39 33.97
C CYS B 60 -35.06 -14.95 33.50
N ASN B 61 -35.14 -14.75 32.20
CA ASN B 61 -35.29 -13.41 31.69
C ASN B 61 -35.81 -13.36 30.25
N SER B 62 -36.00 -12.15 29.76
CA SER B 62 -36.46 -11.93 28.39
C SER B 62 -35.58 -10.83 27.83
N LYS B 63 -35.49 -10.76 26.50
CA LYS B 63 -34.70 -9.71 25.90
C LYS B 63 -35.52 -9.08 24.80
N ASP B 64 -35.69 -7.77 24.87
CA ASP B 64 -36.46 -7.05 23.86
C ASP B 64 -35.49 -6.24 23.04
N ASP B 65 -35.63 -6.33 21.72
CA ASP B 65 -34.74 -5.60 20.81
C ASP B 65 -33.33 -5.46 21.39
N GLY B 66 -32.81 -6.56 21.93
CA GLY B 66 -31.46 -6.60 22.47
C GLY B 66 -31.22 -6.15 23.90
N THR B 67 -32.21 -5.56 24.54
CA THR B 67 -32.02 -5.10 25.90
C THR B 67 -32.72 -6.05 26.89
N TRP B 68 -32.00 -6.46 27.93
CA TRP B 68 -32.58 -7.38 28.91
C TRP B 68 -33.73 -6.76 29.68
N GLY B 69 -34.41 -7.60 30.46
CA GLY B 69 -35.54 -7.18 31.26
C GLY B 69 -35.34 -7.56 32.73
N THR B 70 -36.44 -7.62 33.46
CA THR B 70 -36.44 -7.96 34.88
C THR B 70 -36.15 -9.45 35.08
N GLU B 71 -35.05 -9.75 35.75
CA GLU B 71 -34.63 -11.13 35.98
C GLU B 71 -35.35 -11.85 37.11
N GLN B 72 -36.11 -12.89 36.77
CA GLN B 72 -36.82 -13.69 37.76
C GLN B 72 -35.93 -14.87 38.19
N ARG B 73 -35.95 -15.20 39.47
CA ARG B 73 -35.12 -16.28 39.96
C ARG B 73 -35.94 -17.31 40.75
N GLU B 74 -35.26 -18.40 41.11
CA GLU B 74 -35.86 -19.48 41.87
C GLU B 74 -35.00 -20.74 41.85
N PRO B 81 -23.95 -32.62 37.27
CA PRO B 81 -23.03 -32.49 36.14
C PRO B 81 -22.75 -33.86 35.56
N GLY B 82 -21.97 -33.88 34.49
CA GLY B 82 -21.59 -35.12 33.84
C GLY B 82 -22.71 -36.07 33.47
N SER B 83 -23.95 -35.71 33.79
CA SER B 83 -25.11 -36.55 33.48
C SER B 83 -25.80 -36.08 32.22
N ILE B 84 -26.96 -36.66 31.94
CA ILE B 84 -27.73 -36.30 30.76
C ILE B 84 -29.13 -35.89 31.18
N THR B 85 -29.39 -34.60 31.31
CA THR B 85 -30.74 -34.15 31.70
C THR B 85 -31.59 -33.78 30.51
N GLU B 86 -32.78 -33.32 30.80
CA GLU B 86 -33.74 -32.99 29.76
C GLU B 86 -34.71 -31.91 30.25
N VAL B 87 -35.02 -30.95 29.38
CA VAL B 87 -35.92 -29.87 29.71
C VAL B 87 -37.07 -29.86 28.72
N CSO B 88 -38.28 -29.81 29.26
CA CSO B 88 -39.49 -29.79 28.46
CB CSO B 88 -40.55 -30.77 29.06
SG CSO B 88 -40.14 -32.62 29.23
C CSO B 88 -39.97 -28.33 28.59
O CSO B 88 -40.06 -27.80 29.69
OD CSO B 88 -39.79 -32.76 30.77
N ILE B 89 -40.26 -27.66 27.46
CA ILE B 89 -40.75 -26.28 27.48
C ILE B 89 -42.01 -26.10 26.64
N THR B 90 -43.01 -25.43 27.20
CA THR B 90 -44.27 -25.22 26.49
C THR B 90 -44.72 -23.80 26.72
N PHE B 91 -45.64 -23.29 25.89
CA PHE B 91 -46.10 -21.93 26.09
C PHE B 91 -47.48 -21.65 25.50
N ASP B 92 -47.98 -20.47 25.85
CA ASP B 92 -49.27 -20.00 25.38
C ASP B 92 -49.24 -18.47 25.40
N GLN B 93 -50.41 -17.86 25.25
CA GLN B 93 -50.55 -16.41 25.22
C GLN B 93 -50.03 -15.75 26.49
N ALA B 94 -50.43 -16.30 27.64
CA ALA B 94 -50.05 -15.77 28.93
C ALA B 94 -48.59 -15.98 29.31
N ASP B 95 -48.16 -17.24 29.32
CA ASP B 95 -46.79 -17.54 29.71
C ASP B 95 -46.21 -18.87 29.26
N LEU B 96 -44.90 -19.00 29.46
CA LEU B 96 -44.17 -20.20 29.11
C LEU B 96 -44.15 -21.13 30.33
N THR B 97 -44.08 -22.43 30.09
CA THR B 97 -44.06 -23.38 31.17
C THR B 97 -42.85 -24.29 31.00
N ILE B 98 -41.91 -24.17 31.95
CA ILE B 98 -40.71 -24.98 31.95
C ILE B 98 -41.00 -26.17 32.85
N LYS B 99 -40.76 -27.38 32.35
CA LYS B 99 -40.96 -28.58 33.15
C LYS B 99 -39.61 -29.27 33.33
N LEU B 100 -39.14 -29.33 34.57
CA LEU B 100 -37.87 -29.95 34.90
C LEU B 100 -38.06 -31.47 34.91
N PRO B 101 -36.96 -32.24 34.84
CA PRO B 101 -37.01 -33.71 34.85
C PRO B 101 -37.68 -34.42 36.03
N ASP B 102 -37.78 -33.76 37.17
CA ASP B 102 -38.40 -34.36 38.35
C ASP B 102 -39.91 -34.26 38.27
N GLY B 103 -40.42 -33.80 37.13
CA GLY B 103 -41.87 -33.66 36.96
C GLY B 103 -42.37 -32.27 37.33
N HIS B 104 -41.64 -31.62 38.22
CA HIS B 104 -41.95 -30.27 38.70
C HIS B 104 -41.88 -29.23 37.58
N GLU B 105 -42.76 -28.24 37.64
CA GLU B 105 -42.79 -27.19 36.61
C GLU B 105 -43.20 -25.82 37.15
N PHE B 106 -42.59 -24.78 36.62
CA PHE B 106 -42.88 -23.41 37.03
C PHE B 106 -43.17 -22.56 35.80
N LYS B 107 -43.71 -21.38 36.00
CA LYS B 107 -44.02 -20.52 34.86
C LYS B 107 -43.28 -19.19 34.80
N PHE B 108 -43.17 -18.66 33.59
CA PHE B 108 -42.51 -17.38 33.34
C PHE B 108 -43.38 -16.67 32.31
N PRO B 109 -43.78 -15.42 32.60
CA PRO B 109 -44.62 -14.65 31.68
C PRO B 109 -44.07 -14.41 30.28
N ASN B 110 -44.97 -14.45 29.31
CA ASN B 110 -44.62 -14.21 27.92
C ASN B 110 -44.71 -12.67 27.73
N ARG B 111 -43.76 -11.97 28.35
CA ARG B 111 -43.70 -10.51 28.30
C ARG B 111 -43.80 -9.92 26.88
N LEU B 112 -42.95 -10.38 25.97
CA LEU B 112 -42.98 -9.89 24.59
C LEU B 112 -44.29 -10.28 23.93
N ASN B 113 -44.90 -11.35 24.43
CA ASN B 113 -46.19 -11.78 23.92
C ASN B 113 -46.18 -12.28 22.49
N MET B 114 -45.22 -13.11 22.14
CA MET B 114 -45.18 -13.64 20.78
C MET B 114 -46.00 -14.92 20.67
N GLU B 115 -46.57 -15.15 19.49
CA GLU B 115 -47.39 -16.34 19.26
C GLU B 115 -46.66 -17.50 18.61
N ALA B 116 -45.37 -17.30 18.33
CA ALA B 116 -44.56 -18.35 17.72
C ALA B 116 -43.11 -18.22 18.17
N ILE B 117 -42.44 -19.37 18.34
CA ILE B 117 -41.04 -19.40 18.73
C ILE B 117 -40.28 -19.99 17.57
N ASN B 118 -39.39 -19.22 16.97
CA ASN B 118 -38.63 -19.71 15.83
C ASN B 118 -37.14 -19.77 16.07
N TYR B 119 -36.71 -19.41 17.26
CA TYR B 119 -35.29 -19.40 17.53
C TYR B 119 -34.91 -20.09 18.82
N MET B 120 -33.84 -20.86 18.76
CA MET B 120 -33.32 -21.55 19.92
C MET B 120 -31.80 -21.53 19.85
N ALA B 121 -31.18 -21.41 21.01
CA ALA B 121 -29.74 -21.39 21.10
C ALA B 121 -29.32 -21.98 22.42
N ALA B 122 -28.35 -22.89 22.37
CA ALA B 122 -27.82 -23.52 23.56
C ALA B 122 -26.45 -22.89 23.76
N ASP B 123 -26.04 -22.77 25.00
CA ASP B 123 -24.77 -22.16 25.31
C ASP B 123 -24.38 -22.64 26.70
N GLY B 124 -23.09 -22.78 26.95
CA GLY B 124 -22.66 -23.20 28.27
C GLY B 124 -22.18 -24.62 28.37
N ASP B 125 -22.21 -25.16 29.59
CA ASP B 125 -21.76 -26.53 29.84
C ASP B 125 -22.89 -27.55 29.60
N PHE B 126 -23.51 -27.43 28.44
CA PHE B 126 -24.62 -28.29 28.05
C PHE B 126 -24.42 -28.71 26.60
N LYS B 127 -24.41 -30.02 26.37
CA LYS B 127 -24.23 -30.55 25.02
C LYS B 127 -25.52 -31.21 24.49
N ILE B 128 -26.22 -30.51 23.60
CA ILE B 128 -27.47 -31.03 23.02
C ILE B 128 -27.27 -32.38 22.33
N LYS B 129 -28.17 -33.32 22.57
CA LYS B 129 -28.07 -34.63 21.94
C LYS B 129 -29.39 -35.02 21.26
N CSO B 130 -30.48 -34.41 21.71
CA CSO B 130 -31.79 -34.68 21.13
CB CSO B 130 -32.44 -35.90 21.80
SG CSO B 130 -34.15 -36.29 21.27
C CSO B 130 -32.71 -33.47 21.30
O CSO B 130 -32.72 -32.82 22.34
OD CSO B 130 -35.00 -35.89 22.56
N VAL B 131 -33.43 -33.16 20.23
CA VAL B 131 -34.39 -32.06 20.23
C VAL B 131 -35.63 -32.66 19.60
N ALA B 132 -36.76 -32.55 20.28
CA ALA B 132 -37.99 -33.11 19.75
C ALA B 132 -39.13 -32.13 19.90
N PHE B 133 -40.13 -32.27 19.05
CA PHE B 133 -41.31 -31.41 19.08
C PHE B 133 -42.52 -32.34 19.27
N GLU B 134 -42.99 -32.43 20.51
CA GLU B 134 -44.12 -33.30 20.88
C GLU B 134 -45.47 -32.60 20.76
N GLY C 3 20.25 28.76 -11.71
CA GLY C 3 21.58 29.47 -11.72
C GLY C 3 22.74 28.57 -12.11
N LEU C 4 23.73 29.11 -12.80
CA LEU C 4 24.90 28.33 -13.24
C LEU C 4 25.70 27.71 -12.10
N VAL C 5 26.07 26.44 -12.24
CA VAL C 5 26.85 25.77 -11.21
C VAL C 5 28.12 25.20 -11.81
N ALA C 6 29.26 25.47 -11.17
CA ALA C 6 30.55 24.99 -11.66
C ALA C 6 31.33 24.33 -10.56
N SER C 7 31.76 23.10 -10.80
CA SER C 7 32.55 22.35 -9.83
C SER C 7 33.91 21.94 -10.40
N ASN C 8 34.79 21.47 -9.54
CA ASN C 8 36.13 21.06 -9.96
C ASN C 8 37.05 22.24 -10.20
N LEU C 9 36.49 23.44 -10.35
CA LEU C 9 37.34 24.59 -10.57
C LEU C 9 38.18 24.71 -9.32
N ASN C 10 39.45 24.35 -9.39
CA ASN C 10 40.30 24.41 -8.22
C ASN C 10 41.09 25.69 -8.08
N LEU C 11 40.49 26.64 -7.37
CA LEU C 11 41.13 27.92 -7.12
C LEU C 11 42.06 27.73 -5.95
N LYS C 12 43.33 28.03 -6.17
CA LYS C 12 44.34 27.90 -5.14
C LYS C 12 44.63 29.30 -4.63
N PRO C 13 45.00 29.43 -3.34
CA PRO C 13 45.30 30.74 -2.73
C PRO C 13 46.12 31.64 -3.65
N GLY C 14 45.70 32.89 -3.77
CA GLY C 14 46.42 33.82 -4.61
C GLY C 14 45.77 33.99 -5.96
N GLU C 15 45.04 32.98 -6.43
CA GLU C 15 44.36 33.07 -7.72
C GLU C 15 43.16 34.00 -7.65
N CYS C 16 42.81 34.62 -8.78
CA CYS C 16 41.67 35.54 -8.84
C CYS C 16 40.57 35.03 -9.77
N LEU C 17 39.35 34.97 -9.24
CA LEU C 17 38.19 34.52 -9.99
C LEU C 17 37.35 35.75 -10.33
N LYS C 18 37.17 36.02 -11.62
CA LYS C 18 36.35 37.16 -12.02
C LYS C 18 35.03 36.66 -12.58
N VAL C 19 33.93 37.21 -12.09
CA VAL C 19 32.62 36.83 -12.57
C VAL C 19 31.94 38.06 -13.13
N ARG C 20 31.39 37.95 -14.33
CA ARG C 20 30.72 39.07 -14.97
C ARG C 20 29.33 38.66 -15.39
N GLY C 21 28.36 39.53 -15.17
CA GLY C 21 27.00 39.19 -15.55
C GLY C 21 26.09 40.41 -15.54
N GLU C 22 24.83 40.19 -15.91
CA GLU C 22 23.88 41.30 -15.93
C GLU C 22 22.72 41.13 -14.97
N LEU C 23 22.47 42.20 -14.22
CA LEU C 23 21.40 42.26 -13.24
C LEU C 23 20.04 42.44 -13.92
N ALA C 24 19.04 41.69 -13.45
CA ALA C 24 17.69 41.78 -13.99
C ALA C 24 17.21 43.23 -13.81
N PRO C 25 16.28 43.68 -14.65
CA PRO C 25 15.75 45.05 -14.60
C PRO C 25 15.11 45.43 -13.26
N ASP C 26 14.61 44.43 -12.56
CA ASP C 26 13.95 44.64 -11.26
C ASP C 26 14.67 43.82 -10.19
N ALA C 27 15.99 43.74 -10.29
CA ALA C 27 16.78 42.97 -9.36
C ALA C 27 16.42 43.19 -7.89
N LYS C 28 16.05 42.09 -7.22
CA LYS C 28 15.73 42.12 -5.80
C LYS C 28 16.97 41.69 -5.02
N SER C 29 17.71 40.72 -5.57
CA SER C 29 18.92 40.23 -4.96
C SER C 29 19.52 39.11 -5.79
N PHE C 30 20.82 38.91 -5.69
CA PHE C 30 21.45 37.83 -6.42
C PHE C 30 22.50 37.18 -5.53
N VAL C 31 22.94 35.97 -5.89
CA VAL C 31 23.89 35.23 -5.08
C VAL C 31 25.07 34.62 -5.81
N LEU C 32 26.15 34.45 -5.06
CA LEU C 32 27.40 33.85 -5.54
C LEU C 32 27.89 32.99 -4.39
N ASN C 33 27.98 31.68 -4.60
CA ASN C 33 28.44 30.79 -3.54
C ASN C 33 29.75 30.10 -3.92
N LEU C 34 30.69 30.08 -2.99
CA LEU C 34 32.00 29.48 -3.20
C LEU C 34 32.33 28.55 -2.05
N GLY C 35 32.90 27.38 -2.37
CA GLY C 35 33.26 26.43 -1.32
C GLY C 35 33.68 25.09 -1.88
N LYS C 36 33.31 24.01 -1.16
CA LYS C 36 33.63 22.65 -1.60
C LYS C 36 32.43 22.00 -2.29
N ASP C 37 31.24 22.30 -1.78
CA ASP C 37 29.99 21.77 -2.31
C ASP C 37 28.86 22.68 -1.82
N SER C 38 27.66 22.44 -2.32
CA SER C 38 26.53 23.27 -1.95
C SER C 38 26.32 23.48 -0.45
N ASN C 39 26.79 22.55 0.38
CA ASN C 39 26.59 22.66 1.82
C ASN C 39 27.78 23.15 2.63
N ASN C 40 28.89 23.39 1.93
CA ASN C 40 30.09 23.87 2.61
C ASN C 40 30.70 25.03 1.86
N LEU C 41 30.17 26.22 2.16
CA LEU C 41 30.59 27.44 1.50
C LEU C 41 31.46 28.31 2.37
N CYS C 42 32.63 28.69 1.85
CA CYS C 42 33.53 29.56 2.57
C CYS C 42 33.04 31.01 2.35
N LEU C 43 32.22 31.20 1.31
CA LEU C 43 31.67 32.52 1.01
C LEU C 43 30.29 32.48 0.38
N HIS C 44 29.37 33.25 0.96
CA HIS C 44 28.01 33.38 0.46
C HIS C 44 27.86 34.88 0.22
N PHE C 45 28.02 35.30 -1.03
CA PHE C 45 27.94 36.70 -1.45
C PHE C 45 26.52 37.03 -1.86
N ASN C 46 25.74 37.61 -0.95
CA ASN C 46 24.36 37.95 -1.23
C ASN C 46 24.00 39.42 -1.16
N PRO C 47 24.27 40.18 -2.23
CA PRO C 47 23.91 41.61 -2.17
C PRO C 47 22.39 41.69 -2.36
N ARG C 48 21.72 42.43 -1.48
CA ARG C 48 20.26 42.58 -1.53
C ARG C 48 19.80 43.98 -1.88
N PHE C 49 19.25 44.14 -3.07
CA PHE C 49 18.75 45.44 -3.50
C PHE C 49 17.56 45.72 -2.60
N ASN C 50 16.76 44.68 -2.38
CA ASN C 50 15.59 44.77 -1.54
C ASN C 50 15.00 43.38 -1.27
N ALA C 51 15.35 42.79 -0.14
CA ALA C 51 14.87 41.46 0.22
C ALA C 51 15.19 41.12 1.67
N HIS C 52 14.30 40.34 2.31
CA HIS C 52 14.47 39.92 3.70
C HIS C 52 14.50 41.08 4.69
N GLY C 53 14.04 42.24 4.25
CA GLY C 53 14.04 43.40 5.12
C GLY C 53 15.27 44.29 4.98
N ASP C 54 16.11 43.99 3.98
CA ASP C 54 17.33 44.75 3.74
C ASP C 54 17.32 45.40 2.37
N ALA C 55 17.79 46.63 2.29
CA ALA C 55 17.84 47.33 1.01
C ALA C 55 19.26 47.83 0.76
N ASN C 56 19.69 47.74 -0.50
CA ASN C 56 21.01 48.20 -0.89
C ASN C 56 22.11 47.83 0.11
N THR C 57 22.12 46.58 0.51
CA THR C 57 23.11 46.08 1.45
C THR C 57 23.62 44.70 1.04
N ILE C 58 24.93 44.50 1.18
CA ILE C 58 25.56 43.24 0.85
C ILE C 58 25.65 42.39 2.11
N VAL C 59 25.12 41.18 2.05
CA VAL C 59 25.17 40.27 3.19
C VAL C 59 26.09 39.10 2.87
N CYS C 60 27.12 38.90 3.70
CA CYS C 60 28.05 37.80 3.51
C CYS C 60 27.90 36.77 4.62
N ASN C 61 28.33 35.54 4.35
CA ASN C 61 28.22 34.50 5.35
C ASN C 61 28.92 33.25 4.84
N SER C 62 29.02 32.25 5.73
CA SER C 62 29.63 30.97 5.40
C SER C 62 28.67 29.89 5.84
N LYS C 63 28.76 28.72 5.23
CA LYS C 63 27.90 27.58 5.59
C LYS C 63 28.73 26.33 5.88
N ASP C 64 28.47 25.72 7.04
CA ASP C 64 29.19 24.52 7.45
C ASP C 64 28.25 23.35 7.53
N ASP C 65 28.45 22.36 6.67
CA ASP C 65 27.60 21.19 6.65
C ASP C 65 26.11 21.57 6.66
N GLY C 66 25.77 22.61 5.90
CA GLY C 66 24.39 23.03 5.81
C GLY C 66 23.88 24.09 6.77
N THR C 67 24.62 24.37 7.84
CA THR C 67 24.14 25.38 8.78
C THR C 67 24.92 26.71 8.59
N TRP C 68 24.18 27.82 8.52
CA TRP C 68 24.78 29.14 8.32
C TRP C 68 25.60 29.64 9.48
N GLY C 69 26.53 30.54 9.18
CA GLY C 69 27.37 31.11 10.22
C GLY C 69 26.87 32.50 10.59
N THR C 70 27.74 33.31 11.18
CA THR C 70 27.38 34.68 11.56
C THR C 70 27.40 35.60 10.35
N GLU C 71 26.38 36.43 10.23
CA GLU C 71 26.29 37.37 9.12
C GLU C 71 27.16 38.61 9.29
N GLN C 72 27.81 39.00 8.20
CA GLN C 72 28.64 40.20 8.17
C GLN C 72 28.07 41.07 7.05
N ARG C 73 27.65 42.28 7.39
CA ARG C 73 27.06 43.16 6.39
C ARG C 73 27.93 44.33 5.96
N GLU C 74 27.91 44.62 4.66
CA GLU C 74 28.70 45.71 4.13
C GLU C 74 27.78 46.78 3.56
N THR C 75 28.07 48.02 3.95
CA THR C 75 27.31 49.18 3.53
C THR C 75 27.51 49.57 2.07
N ALA C 76 28.73 49.36 1.57
CA ALA C 76 29.07 49.66 0.16
C ALA C 76 28.12 48.90 -0.78
N PHE C 77 27.58 49.57 -1.79
CA PHE C 77 26.65 48.89 -2.69
C PHE C 77 26.63 49.51 -4.09
N PRO C 78 27.69 49.25 -4.89
CA PRO C 78 27.76 49.80 -6.25
C PRO C 78 27.01 49.01 -7.31
N PHE C 79 25.72 48.74 -7.09
CA PHE C 79 24.94 47.97 -8.05
C PHE C 79 23.66 48.66 -8.49
N GLN C 80 23.24 48.38 -9.73
CA GLN C 80 22.03 48.97 -10.29
C GLN C 80 21.27 47.92 -11.11
N PRO C 81 19.94 47.89 -10.97
CA PRO C 81 19.16 46.90 -11.73
C PRO C 81 19.30 47.09 -13.25
N GLY C 82 19.03 46.03 -14.00
CA GLY C 82 19.13 46.09 -15.46
C GLY C 82 20.44 46.63 -16.02
N SER C 83 21.57 46.26 -15.40
CA SER C 83 22.87 46.71 -15.86
C SER C 83 23.84 45.54 -15.75
N ILE C 84 25.05 45.71 -16.28
CA ILE C 84 26.05 44.66 -16.24
C ILE C 84 27.17 45.05 -15.29
N THR C 85 27.59 44.08 -14.48
CA THR C 85 28.70 44.31 -13.54
C THR C 85 29.53 43.05 -13.44
N GLU C 86 30.55 43.13 -12.60
CA GLU C 86 31.41 41.99 -12.38
C GLU C 86 31.97 42.09 -10.97
N VAL C 87 32.36 40.96 -10.43
CA VAL C 87 32.91 40.90 -9.09
C VAL C 87 34.20 40.12 -9.22
N CSO C 88 35.24 40.58 -8.54
CA CSO C 88 36.53 39.92 -8.54
CB CSO C 88 37.64 40.92 -8.88
SG CSO C 88 37.51 41.76 -10.53
C CSO C 88 36.71 39.36 -7.12
O CSO C 88 36.49 40.06 -6.13
OD CSO C 88 37.02 43.24 -10.15
N ILE C 89 37.08 38.08 -7.00
CA ILE C 89 37.27 37.43 -5.70
C ILE C 89 38.63 36.72 -5.60
N THR C 90 39.37 36.98 -4.54
CA THR C 90 40.66 36.34 -4.34
C THR C 90 40.65 35.70 -2.96
N PHE C 91 41.63 34.86 -2.67
CA PHE C 91 41.63 34.26 -1.35
C PHE C 91 42.96 33.68 -0.88
N ASP C 92 43.05 33.50 0.43
CA ASP C 92 44.22 32.95 1.10
C ASP C 92 43.77 32.46 2.47
N GLN C 93 44.63 31.72 3.16
CA GLN C 93 44.30 31.20 4.49
C GLN C 93 43.57 32.22 5.35
N ALA C 94 44.09 33.44 5.34
CA ALA C 94 43.55 34.56 6.11
C ALA C 94 42.06 34.73 5.88
N ASP C 95 41.74 35.31 4.73
CA ASP C 95 40.36 35.55 4.35
C ASP C 95 40.22 35.76 2.84
N LEU C 96 38.99 35.92 2.39
CA LEU C 96 38.73 36.15 0.98
C LEU C 96 38.64 37.65 0.80
N THR C 97 38.92 38.12 -0.41
CA THR C 97 38.86 39.54 -0.68
C THR C 97 37.93 39.81 -1.84
N ILE C 98 36.76 40.37 -1.55
CA ILE C 98 35.80 40.69 -2.60
C ILE C 98 36.15 42.08 -3.11
N LYS C 99 36.30 42.20 -4.43
CA LYS C 99 36.63 43.47 -5.03
C LYS C 99 35.48 43.94 -5.91
N LEU C 100 34.79 44.98 -5.47
CA LEU C 100 33.65 45.52 -6.20
C LEU C 100 34.04 46.34 -7.44
N PRO C 101 33.15 46.40 -8.44
CA PRO C 101 33.39 47.14 -9.68
C PRO C 101 33.67 48.63 -9.53
N ASP C 102 33.21 49.20 -8.41
CA ASP C 102 33.40 50.62 -8.17
C ASP C 102 34.78 50.91 -7.57
N GLY C 103 35.64 49.90 -7.54
CA GLY C 103 36.97 50.11 -7.02
C GLY C 103 37.32 49.52 -5.67
N HIS C 104 36.57 49.87 -4.63
CA HIS C 104 36.92 49.36 -3.30
C HIS C 104 36.53 47.93 -3.03
N GLU C 105 37.31 47.32 -2.13
CA GLU C 105 37.17 45.92 -1.77
C GLU C 105 37.13 45.76 -0.25
N PHE C 106 36.50 44.68 0.21
CA PHE C 106 36.43 44.40 1.64
C PHE C 106 36.82 42.94 1.87
N LYS C 107 37.03 42.57 3.12
CA LYS C 107 37.42 41.20 3.42
C LYS C 107 36.42 40.43 4.27
N PHE C 108 36.42 39.11 4.08
CA PHE C 108 35.55 38.20 4.80
C PHE C 108 36.45 37.03 5.20
N PRO C 109 36.54 36.73 6.51
CA PRO C 109 37.35 35.65 7.07
C PRO C 109 37.06 34.24 6.55
N ASN C 110 38.12 33.50 6.25
CA ASN C 110 38.00 32.13 5.76
C ASN C 110 37.72 31.17 6.91
N ARG C 111 36.55 31.32 7.53
CA ARG C 111 36.15 30.49 8.67
C ARG C 111 36.35 28.99 8.54
N LEU C 112 35.84 28.40 7.46
CA LEU C 112 35.98 26.96 7.24
C LEU C 112 37.43 26.54 7.01
N ASN C 113 38.30 27.53 6.95
CA ASN C 113 39.73 27.32 6.78
C ASN C 113 40.12 26.39 5.63
N MET C 114 39.43 26.50 4.50
CA MET C 114 39.77 25.64 3.39
C MET C 114 40.82 26.28 2.51
N GLU C 115 41.64 25.46 1.87
CA GLU C 115 42.72 25.97 1.04
C GLU C 115 42.54 25.75 -0.46
N ALA C 116 41.29 25.63 -0.91
CA ALA C 116 40.99 25.43 -2.32
C ALA C 116 39.50 25.52 -2.63
N ILE C 117 39.09 26.56 -3.36
CA ILE C 117 37.70 26.69 -3.74
C ILE C 117 37.54 25.70 -4.89
N ASN C 118 36.48 24.91 -4.87
CA ASN C 118 36.22 23.91 -5.92
C ASN C 118 34.81 23.97 -6.43
N TYR C 119 33.97 24.69 -5.72
CA TYR C 119 32.57 24.83 -6.09
C TYR C 119 32.18 26.30 -6.25
N MET C 120 31.27 26.55 -7.18
CA MET C 120 30.77 27.89 -7.43
C MET C 120 29.35 27.76 -7.91
N ALA C 121 28.50 28.70 -7.49
CA ALA C 121 27.11 28.68 -7.91
C ALA C 121 26.53 30.07 -7.88
N ALA C 122 25.83 30.43 -8.95
CA ALA C 122 25.20 31.73 -9.04
C ALA C 122 23.72 31.53 -8.83
N ASP C 123 23.06 32.50 -8.21
CA ASP C 123 21.63 32.40 -7.96
C ASP C 123 21.04 33.82 -7.93
N GLY C 124 19.71 33.92 -7.92
CA GLY C 124 19.07 35.22 -7.87
C GLY C 124 18.87 35.89 -9.21
N ASP C 125 18.78 37.23 -9.20
CA ASP C 125 18.55 37.99 -10.42
C ASP C 125 19.86 38.43 -11.06
N PHE C 126 20.68 37.44 -11.40
CA PHE C 126 21.98 37.69 -12.01
C PHE C 126 22.24 36.66 -13.08
N LYS C 127 22.44 37.12 -14.30
CA LYS C 127 22.69 36.21 -15.41
C LYS C 127 24.15 36.34 -15.85
N ILE C 128 24.92 35.27 -15.60
CA ILE C 128 26.34 35.24 -15.94
C ILE C 128 26.60 35.26 -17.45
N LYS C 129 27.58 36.06 -17.86
CA LYS C 129 27.95 36.17 -19.28
C LYS C 129 29.40 35.71 -19.47
N CSO C 130 30.23 35.96 -18.47
CA CSO C 130 31.63 35.60 -18.56
CB CSO C 130 32.43 36.84 -19.01
SG CSO C 130 34.25 36.76 -18.86
C CSO C 130 32.11 35.13 -17.20
O CSO C 130 31.51 35.48 -16.18
OD CSO C 130 34.49 37.80 -17.66
N VAL C 131 33.16 34.32 -17.19
CA VAL C 131 33.78 33.82 -15.97
C VAL C 131 35.23 33.62 -16.34
N ALA C 132 36.14 34.24 -15.60
CA ALA C 132 37.57 34.10 -15.91
C ALA C 132 38.35 33.65 -14.70
N PHE C 133 39.48 33.00 -14.94
CA PHE C 133 40.36 32.51 -13.87
C PHE C 133 41.75 33.05 -14.13
N GLU C 134 42.02 34.25 -13.62
CA GLU C 134 43.32 34.85 -13.79
C GLU C 134 44.03 34.99 -12.45
N GLY D 3 39.23 18.06 -14.33
CA GLY D 3 38.72 19.04 -15.32
C GLY D 3 37.48 19.79 -14.87
N LEU D 4 37.36 21.07 -15.23
CA LEU D 4 36.21 21.89 -14.84
C LEU D 4 34.88 21.37 -15.34
N VAL D 5 33.88 21.36 -14.48
CA VAL D 5 32.55 20.88 -14.88
C VAL D 5 31.51 21.95 -14.59
N ALA D 6 30.68 22.24 -15.58
CA ALA D 6 29.63 23.26 -15.44
C ALA D 6 28.28 22.74 -15.87
N SER D 7 27.30 22.86 -14.98
CA SER D 7 25.95 22.41 -15.27
C SER D 7 24.95 23.56 -15.14
N ASN D 8 23.73 23.34 -15.61
CA ASN D 8 22.70 24.35 -15.57
C ASN D 8 22.85 25.42 -16.62
N LEU D 9 24.05 25.53 -17.21
CA LEU D 9 24.26 26.52 -18.25
C LEU D 9 23.31 26.15 -19.38
N ASN D 10 22.21 26.89 -19.53
CA ASN D 10 21.26 26.54 -20.57
C ASN D 10 21.48 27.27 -21.86
N LEU D 11 22.23 26.65 -22.74
CA LEU D 11 22.49 27.20 -24.04
C LEU D 11 21.32 26.86 -24.93
N LYS D 12 20.71 27.88 -25.50
CA LYS D 12 19.57 27.68 -26.38
C LYS D 12 20.07 27.85 -27.80
N PRO D 13 19.44 27.19 -28.77
CA PRO D 13 19.84 27.28 -30.18
C PRO D 13 20.15 28.71 -30.60
N GLY D 14 21.26 28.88 -31.29
CA GLY D 14 21.62 30.21 -31.74
C GLY D 14 22.65 30.87 -30.85
N GLU D 15 22.69 30.47 -29.58
CA GLU D 15 23.66 31.05 -28.66
C GLU D 15 25.07 30.51 -28.94
N CYS D 16 26.09 31.29 -28.59
CA CYS D 16 27.48 30.90 -28.81
C CYS D 16 28.25 30.78 -27.50
N LEU D 17 28.89 29.63 -27.31
CA LEU D 17 29.68 29.36 -26.12
C LEU D 17 31.15 29.44 -26.51
N LYS D 18 31.88 30.38 -25.91
CA LYS D 18 33.30 30.49 -26.21
C LYS D 18 34.13 29.96 -25.04
N VAL D 19 35.07 29.07 -25.32
CA VAL D 19 35.90 28.52 -24.26
C VAL D 19 37.34 28.85 -24.59
N ARG D 20 38.06 29.38 -23.60
CA ARG D 20 39.45 29.75 -23.79
C ARG D 20 40.33 29.07 -22.73
N GLY D 21 41.48 28.54 -23.14
CA GLY D 21 42.33 27.88 -22.19
C GLY D 21 43.72 27.67 -22.74
N GLU D 22 44.61 27.12 -21.92
CA GLU D 22 45.97 26.88 -22.35
C GLU D 22 46.35 25.41 -22.36
N LEU D 23 46.93 24.98 -23.48
CA LEU D 23 47.38 23.61 -23.69
C LEU D 23 48.67 23.34 -22.93
N ALA D 24 48.75 22.17 -22.29
CA ALA D 24 49.95 21.79 -21.55
C ALA D 24 51.12 21.75 -22.53
N PRO D 25 52.35 21.94 -22.02
CA PRO D 25 53.56 21.96 -22.86
C PRO D 25 53.80 20.67 -23.67
N ASP D 26 53.25 19.57 -23.17
CA ASP D 26 53.41 18.28 -23.82
C ASP D 26 52.04 17.69 -24.11
N ALA D 27 51.10 18.55 -24.48
CA ALA D 27 49.74 18.14 -24.77
C ALA D 27 49.60 16.89 -25.64
N LYS D 28 48.97 15.86 -25.08
CA LYS D 28 48.73 14.62 -25.82
C LYS D 28 47.32 14.69 -26.41
N SER D 29 46.40 15.28 -25.66
CA SER D 29 45.01 15.42 -26.09
C SER D 29 44.18 16.09 -25.00
N PHE D 30 43.11 16.75 -25.40
CA PHE D 30 42.24 17.37 -24.41
C PHE D 30 40.79 17.16 -24.83
N VAL D 31 39.85 17.38 -23.91
CA VAL D 31 38.44 17.16 -24.19
C VAL D 31 37.48 18.27 -23.76
N LEU D 32 36.37 18.34 -24.49
CA LEU D 32 35.30 19.29 -24.24
C LEU D 32 34.01 18.49 -24.47
N ASN D 33 33.21 18.32 -23.42
CA ASN D 33 31.96 17.57 -23.53
C ASN D 33 30.75 18.47 -23.30
N LEU D 34 29.76 18.35 -24.19
CA LEU D 34 28.52 19.13 -24.12
C LEU D 34 27.29 18.22 -24.22
N GLY D 35 26.27 18.49 -23.40
CA GLY D 35 25.08 17.66 -23.45
C GLY D 35 24.14 17.94 -22.29
N LYS D 36 23.47 16.89 -21.79
CA LYS D 36 22.55 17.03 -20.67
C LYS D 36 23.22 16.65 -19.35
N ASP D 37 24.06 15.63 -19.43
CA ASP D 37 24.80 15.11 -18.27
C ASP D 37 25.99 14.32 -18.80
N SER D 38 26.84 13.86 -17.88
CA SER D 38 28.03 13.12 -18.29
C SER D 38 27.80 11.93 -19.21
N ASN D 39 26.60 11.35 -19.19
CA ASN D 39 26.32 10.19 -20.04
C ASN D 39 25.52 10.47 -21.29
N ASN D 40 25.13 11.72 -21.48
CA ASN D 40 24.35 12.10 -22.66
C ASN D 40 24.90 13.35 -23.30
N LEU D 41 25.93 13.14 -24.12
CA LEU D 41 26.64 14.20 -24.81
C LEU D 41 26.26 14.33 -26.27
N CYS D 42 25.87 15.55 -26.66
CA CYS D 42 25.53 15.81 -28.06
C CYS D 42 26.85 16.07 -28.80
N LEU D 43 27.90 16.39 -28.05
CA LEU D 43 29.20 16.64 -28.61
C LEU D 43 30.37 16.25 -27.71
N HIS D 44 31.30 15.49 -28.27
CA HIS D 44 32.51 15.07 -27.58
C HIS D 44 33.63 15.58 -28.48
N PHE D 45 34.21 16.70 -28.10
CA PHE D 45 35.28 17.34 -28.87
C PHE D 45 36.64 16.90 -28.36
N ASN D 46 37.22 15.89 -29.01
CA ASN D 46 38.49 15.35 -28.58
C ASN D 46 39.66 15.49 -29.56
N PRO D 47 40.29 16.67 -29.60
CA PRO D 47 41.42 16.77 -30.53
C PRO D 47 42.61 16.03 -29.92
N ARG D 48 43.23 15.17 -30.71
CA ARG D 48 44.36 14.36 -30.26
C ARG D 48 45.69 14.73 -30.90
N PHE D 49 46.58 15.34 -30.13
CA PHE D 49 47.89 15.69 -30.65
C PHE D 49 48.59 14.37 -30.95
N ASN D 50 48.42 13.42 -30.04
CA ASN D 50 49.02 12.11 -30.16
C ASN D 50 48.46 11.17 -29.08
N ALA D 51 47.46 10.38 -29.44
CA ALA D 51 46.85 9.44 -28.51
C ALA D 51 45.90 8.46 -29.21
N HIS D 52 45.83 7.25 -28.68
CA HIS D 52 44.96 6.21 -29.24
C HIS D 52 45.33 5.82 -30.66
N GLY D 53 46.54 6.17 -31.08
CA GLY D 53 46.97 5.84 -32.43
C GLY D 53 46.70 6.95 -33.45
N ASP D 54 46.27 8.11 -32.97
CA ASP D 54 45.97 9.24 -33.83
C ASP D 54 46.85 10.43 -33.50
N ALA D 55 47.32 11.13 -34.53
CA ALA D 55 48.17 12.31 -34.33
C ALA D 55 47.58 13.50 -35.07
N ASN D 56 47.65 14.67 -34.44
CA ASN D 56 47.15 15.90 -35.03
C ASN D 56 45.82 15.72 -35.74
N THR D 57 44.88 15.10 -35.05
CA THR D 57 43.56 14.86 -35.61
C THR D 57 42.47 15.09 -34.56
N ILE D 58 41.38 15.73 -34.97
CA ILE D 58 40.26 16.01 -34.07
C ILE D 58 39.23 14.91 -34.22
N VAL D 59 38.86 14.30 -33.10
CA VAL D 59 37.86 13.24 -33.14
C VAL D 59 36.58 13.71 -32.44
N CYS D 60 35.47 13.66 -33.16
CA CYS D 60 34.19 14.08 -32.60
C CYS D 60 33.29 12.86 -32.42
N ASN D 61 32.31 12.98 -31.52
CA ASN D 61 31.37 11.87 -31.29
C ASN D 61 30.26 12.32 -30.36
N SER D 62 29.26 11.45 -30.18
CA SER D 62 28.15 11.72 -29.29
C SER D 62 27.98 10.50 -28.41
N LYS D 63 27.38 10.68 -27.24
CA LYS D 63 27.18 9.57 -26.32
C LYS D 63 25.71 9.54 -25.89
N ASP D 64 25.12 8.35 -25.97
CA ASP D 64 23.72 8.16 -25.60
C ASP D 64 23.61 7.18 -24.45
N ASP D 65 23.15 7.67 -23.31
CA ASP D 65 23.02 6.84 -22.12
C ASP D 65 24.30 6.04 -21.86
N GLY D 66 25.44 6.68 -22.03
CA GLY D 66 26.71 6.01 -21.79
C GLY D 66 27.40 5.30 -22.94
N THR D 67 26.69 5.03 -24.03
CA THR D 67 27.33 4.33 -25.15
C THR D 67 27.69 5.28 -26.29
N TRP D 68 28.93 5.19 -26.78
CA TRP D 68 29.41 6.05 -27.85
C TRP D 68 28.73 5.85 -29.20
N GLY D 69 28.75 6.88 -30.03
CA GLY D 69 28.16 6.80 -31.34
C GLY D 69 29.25 6.61 -32.39
N THR D 70 28.95 6.95 -33.63
CA THR D 70 29.93 6.82 -34.71
C THR D 70 30.90 7.98 -34.68
N GLU D 71 32.19 7.69 -34.84
CA GLU D 71 33.21 8.71 -34.84
C GLU D 71 33.33 9.46 -36.16
N GLN D 72 33.50 10.77 -36.06
CA GLN D 72 33.67 11.63 -37.23
C GLN D 72 35.01 12.35 -37.00
N ARG D 73 35.95 12.18 -37.92
CA ARG D 73 37.26 12.80 -37.77
C ARG D 73 37.54 13.95 -38.70
N GLU D 74 38.16 14.99 -38.16
CA GLU D 74 38.49 16.17 -38.95
C GLU D 74 39.99 16.32 -39.07
N THR D 75 40.43 16.57 -40.29
CA THR D 75 41.84 16.72 -40.61
C THR D 75 42.43 18.05 -40.10
N ALA D 76 41.63 19.12 -40.11
CA ALA D 76 42.06 20.45 -39.64
C ALA D 76 42.56 20.36 -38.21
N PHE D 77 43.70 20.96 -37.90
CA PHE D 77 44.25 20.89 -36.55
C PHE D 77 45.14 22.08 -36.19
N PRO D 78 44.51 23.24 -35.93
CA PRO D 78 45.26 24.45 -35.57
C PRO D 78 45.63 24.54 -34.10
N PHE D 79 46.30 23.52 -33.56
CA PHE D 79 46.70 23.53 -32.15
C PHE D 79 48.18 23.26 -31.93
N GLN D 80 48.72 23.85 -30.86
CA GLN D 80 50.14 23.70 -30.51
C GLN D 80 50.30 23.55 -29.01
N PRO D 81 51.18 22.63 -28.56
CA PRO D 81 51.39 22.44 -27.12
C PRO D 81 51.91 23.70 -26.45
N GLY D 82 51.69 23.80 -25.14
CA GLY D 82 52.14 24.95 -24.37
C GLY D 82 51.76 26.31 -24.93
N SER D 83 50.53 26.45 -25.43
CA SER D 83 50.06 27.72 -25.96
C SER D 83 48.61 27.92 -25.52
N ILE D 84 48.06 29.09 -25.79
CA ILE D 84 46.68 29.38 -25.41
C ILE D 84 45.80 29.48 -26.66
N THR D 85 44.63 28.85 -26.60
CA THR D 85 43.66 28.89 -27.70
C THR D 85 42.25 28.98 -27.16
N GLU D 86 41.30 28.99 -28.08
CA GLU D 86 39.91 29.05 -27.71
C GLU D 86 39.10 28.38 -28.79
N VAL D 87 37.94 27.87 -28.42
CA VAL D 87 37.07 27.22 -29.34
C VAL D 87 35.71 27.88 -29.18
N CSO D 88 35.04 28.16 -30.29
CA CSO D 88 33.72 28.77 -30.30
CB CSO D 88 33.70 29.98 -31.27
SG CSO D 88 34.84 31.36 -30.87
C CSO D 88 32.75 27.66 -30.77
O CSO D 88 33.03 27.00 -31.76
OD CSO D 88 35.98 31.14 -31.95
N ILE D 89 31.66 27.44 -30.04
CA ILE D 89 30.67 26.41 -30.38
C ILE D 89 29.25 26.97 -30.40
N THR D 90 28.54 26.72 -31.49
CA THR D 90 27.15 27.19 -31.62
C THR D 90 26.29 25.98 -31.95
N PHE D 91 24.97 26.13 -31.87
CA PHE D 91 24.13 24.99 -32.20
C PHE D 91 22.68 25.30 -32.55
N ASP D 92 22.03 24.33 -33.19
CA ASP D 92 20.63 24.40 -33.60
C ASP D 92 20.19 22.97 -33.88
N GLN D 93 18.89 22.77 -34.04
CA GLN D 93 18.34 21.44 -34.31
C GLN D 93 19.20 20.65 -35.29
N ALA D 94 19.60 21.32 -36.37
CA ALA D 94 20.41 20.73 -37.43
C ALA D 94 21.64 20.04 -36.86
N ASP D 95 22.64 20.85 -36.52
CA ASP D 95 23.88 20.33 -35.96
C ASP D 95 24.61 21.42 -35.19
N LEU D 96 25.74 21.06 -34.59
CA LEU D 96 26.55 22.00 -33.84
C LEU D 96 27.63 22.51 -34.78
N THR D 97 28.12 23.71 -34.54
CA THR D 97 29.15 24.27 -35.41
C THR D 97 30.38 24.63 -34.59
N ILE D 98 31.45 23.85 -34.74
CA ILE D 98 32.68 24.13 -34.01
C ILE D 98 33.49 25.11 -34.85
N LYS D 99 33.91 26.19 -34.23
CA LYS D 99 34.67 27.21 -34.94
C LYS D 99 36.07 27.30 -34.35
N LEU D 100 37.06 26.82 -35.10
CA LEU D 100 38.44 26.82 -34.65
C LEU D 100 39.10 28.21 -34.67
N PRO D 101 40.11 28.42 -33.81
CA PRO D 101 40.84 29.69 -33.71
C PRO D 101 41.52 30.16 -34.98
N ASP D 102 41.81 29.23 -35.89
CA ASP D 102 42.48 29.56 -37.15
C ASP D 102 41.50 30.03 -38.22
N GLY D 103 40.26 30.28 -37.83
CA GLY D 103 39.29 30.76 -38.79
C GLY D 103 38.21 29.81 -39.24
N HIS D 104 38.57 28.67 -39.85
CA HIS D 104 37.56 27.74 -40.33
C HIS D 104 36.84 26.90 -39.29
N GLU D 105 35.61 26.55 -39.64
CA GLU D 105 34.71 25.80 -38.80
C GLU D 105 34.11 24.61 -39.54
N PHE D 106 33.72 23.58 -38.79
CA PHE D 106 33.10 22.40 -39.39
C PHE D 106 31.85 22.05 -38.59
N LYS D 107 31.03 21.17 -39.13
CA LYS D 107 29.81 20.80 -38.44
C LYS D 107 29.73 19.35 -38.01
N PHE D 108 28.97 19.13 -36.95
CA PHE D 108 28.74 17.81 -36.38
C PHE D 108 27.24 17.74 -36.10
N PRO D 109 26.56 16.74 -36.67
CA PRO D 109 25.11 16.54 -36.50
C PRO D 109 24.61 16.33 -35.06
N ASN D 110 23.50 16.99 -34.74
CA ASN D 110 22.89 16.90 -33.41
C ASN D 110 22.08 15.61 -33.28
N ARG D 111 22.77 14.47 -33.35
CA ARG D 111 22.16 13.15 -33.24
C ARG D 111 21.11 12.96 -32.13
N LEU D 112 21.48 13.28 -30.89
CA LEU D 112 20.55 13.13 -29.76
C LEU D 112 19.36 14.09 -29.87
N ASN D 113 19.41 14.96 -30.88
CA ASN D 113 18.33 15.88 -31.15
C ASN D 113 17.88 16.71 -29.95
N MET D 114 18.81 17.16 -29.12
CA MET D 114 18.43 17.96 -27.97
C MET D 114 18.39 19.43 -28.32
N GLU D 115 17.52 20.16 -27.64
CA GLU D 115 17.37 21.58 -27.93
C GLU D 115 17.87 22.51 -26.83
N ALA D 116 18.81 22.04 -26.03
CA ALA D 116 19.38 22.87 -24.97
C ALA D 116 20.59 22.22 -24.30
N ILE D 117 21.77 22.82 -24.49
CA ILE D 117 22.97 22.28 -23.84
C ILE D 117 22.85 22.75 -22.40
N ASN D 118 23.09 21.85 -21.46
CA ASN D 118 23.01 22.18 -20.03
C ASN D 118 24.23 21.72 -19.27
N TYR D 119 25.02 20.89 -19.91
CA TYR D 119 26.21 20.35 -19.27
C TYR D 119 27.44 20.63 -20.09
N MET D 120 28.55 20.83 -19.40
CA MET D 120 29.84 21.07 -20.05
C MET D 120 30.93 20.51 -19.17
N ALA D 121 31.95 19.94 -19.77
CA ALA D 121 33.04 19.38 -18.99
C ALA D 121 34.33 19.40 -19.81
N ALA D 122 35.41 19.88 -19.20
CA ALA D 122 36.68 19.94 -19.86
C ALA D 122 37.54 18.81 -19.29
N ASP D 123 38.40 18.22 -20.12
CA ASP D 123 39.24 17.13 -19.66
C ASP D 123 40.52 17.12 -20.50
N GLY D 124 41.52 16.36 -20.07
CA GLY D 124 42.76 16.27 -20.83
C GLY D 124 43.79 17.32 -20.45
N ASP D 125 44.68 17.63 -21.38
CA ASP D 125 45.74 18.61 -21.16
C ASP D 125 45.30 20.00 -21.59
N PHE D 126 44.24 20.50 -20.97
CA PHE D 126 43.69 21.80 -21.30
C PHE D 126 43.22 22.47 -20.01
N LYS D 127 43.81 23.61 -19.71
CA LYS D 127 43.43 24.35 -18.50
C LYS D 127 42.64 25.59 -18.90
N ILE D 128 41.36 25.59 -18.55
CA ILE D 128 40.46 26.71 -18.86
C ILE D 128 40.80 27.99 -18.10
N LYS D 129 40.77 29.12 -18.80
CA LYS D 129 41.06 30.40 -18.18
C LYS D 129 39.84 31.31 -18.29
N CSO D 130 39.08 31.16 -19.35
CA CSO D 130 37.90 31.97 -19.57
CB CSO D 130 38.27 33.14 -20.50
SG CSO D 130 36.88 34.07 -21.19
C CSO D 130 36.79 31.14 -20.20
O CSO D 130 37.04 30.13 -20.85
OD CSO D 130 36.95 33.66 -22.73
N VAL D 131 35.54 31.55 -19.97
CA VAL D 131 34.37 30.88 -20.53
C VAL D 131 33.35 31.98 -20.70
N ALA D 132 32.86 32.18 -21.92
CA ALA D 132 31.88 33.22 -22.17
C ALA D 132 30.62 32.68 -22.84
N PHE D 133 29.51 33.39 -22.63
CA PHE D 133 28.22 33.00 -23.20
C PHE D 133 27.69 34.19 -23.98
N GLU D 134 28.07 34.31 -25.24
CA GLU D 134 27.60 35.40 -26.05
C GLU D 134 26.72 34.88 -27.18
N GLY E 3 -13.37 -5.78 5.48
CA GLY E 3 -13.86 -4.69 4.56
C GLY E 3 -15.12 -4.00 5.06
N LEU E 4 -15.26 -2.71 4.78
CA LEU E 4 -16.43 -1.95 5.24
C LEU E 4 -17.76 -2.47 4.67
N VAL E 5 -18.77 -2.58 5.54
CA VAL E 5 -20.08 -3.04 5.11
C VAL E 5 -21.15 -2.02 5.48
N ALA E 6 -21.99 -1.66 4.51
CA ALA E 6 -23.05 -0.68 4.72
C ALA E 6 -24.38 -1.21 4.23
N SER E 7 -25.37 -1.20 5.11
CA SER E 7 -26.72 -1.65 4.76
C SER E 7 -27.74 -0.55 4.95
N ASN E 8 -28.95 -0.78 4.46
CA ASN E 8 -30.02 0.23 4.56
C ASN E 8 -29.87 1.38 3.61
N LEU E 9 -28.68 1.55 3.05
CA LEU E 9 -28.48 2.64 2.09
C LEU E 9 -29.40 2.32 0.92
N ASN E 10 -30.52 3.04 0.82
CA ASN E 10 -31.47 2.75 -0.25
C ASN E 10 -31.26 3.60 -1.49
N LEU E 11 -30.47 3.07 -2.40
CA LEU E 11 -30.21 3.73 -3.65
C LEU E 11 -31.37 3.43 -4.58
N LYS E 12 -31.99 4.49 -5.07
CA LYS E 12 -33.12 4.35 -5.96
C LYS E 12 -32.61 4.66 -7.36
N PRO E 13 -33.24 4.04 -8.38
CA PRO E 13 -32.83 4.26 -9.77
C PRO E 13 -32.54 5.72 -10.08
N GLY E 14 -31.41 5.98 -10.75
CA GLY E 14 -31.08 7.34 -11.08
C GLY E 14 -30.08 7.95 -10.14
N GLU E 15 -30.04 7.48 -8.91
CA GLU E 15 -29.09 8.00 -7.92
C GLU E 15 -27.66 7.51 -8.22
N CYS E 16 -26.66 8.30 -7.81
CA CYS E 16 -25.26 7.94 -8.05
C CYS E 16 -24.50 7.73 -6.74
N LEU E 17 -23.84 6.58 -6.64
CA LEU E 17 -23.05 6.23 -5.47
C LEU E 17 -21.59 6.38 -5.82
N LYS E 18 -20.87 7.26 -5.15
CA LYS E 18 -19.45 7.43 -5.43
C LYS E 18 -18.65 6.84 -4.28
N VAL E 19 -17.68 6.00 -4.62
CA VAL E 19 -16.82 5.38 -3.62
C VAL E 19 -15.39 5.79 -3.90
N ARG E 20 -14.69 6.25 -2.88
CA ARG E 20 -13.31 6.68 -3.03
C ARG E 20 -12.43 5.95 -2.01
N GLY E 21 -11.27 5.50 -2.45
CA GLY E 21 -10.38 4.80 -1.53
C GLY E 21 -8.99 4.67 -2.08
N GLU E 22 -8.10 4.06 -1.30
CA GLU E 22 -6.72 3.87 -1.74
C GLU E 22 -6.32 2.42 -1.85
N LEU E 23 -5.72 2.10 -3.00
CA LEU E 23 -5.24 0.76 -3.33
C LEU E 23 -3.95 0.46 -2.57
N ALA E 24 -3.84 -0.75 -2.03
CA ALA E 24 -2.65 -1.18 -1.31
C ALA E 24 -1.45 -1.09 -2.28
N PRO E 25 -0.23 -0.92 -1.75
CA PRO E 25 0.99 -0.82 -2.57
C PRO E 25 1.26 -2.03 -3.47
N ASP E 26 0.75 -3.19 -3.06
CA ASP E 26 0.93 -4.41 -3.82
C ASP E 26 -0.43 -5.01 -4.15
N ALA E 27 -1.39 -4.16 -4.47
CA ALA E 27 -2.74 -4.56 -4.80
C ALA E 27 -2.84 -5.75 -5.77
N LYS E 28 -3.46 -6.83 -5.31
CA LYS E 28 -3.65 -8.03 -6.13
C LYS E 28 -5.06 -7.96 -6.74
N SER E 29 -6.01 -7.44 -5.95
CA SER E 29 -7.39 -7.28 -6.40
C SER E 29 -8.24 -6.72 -5.27
N PHE E 30 -9.33 -6.05 -5.62
CA PHE E 30 -10.21 -5.53 -4.61
C PHE E 30 -11.66 -5.73 -5.06
N VAL E 31 -12.60 -5.61 -4.13
CA VAL E 31 -14.01 -5.85 -4.44
C VAL E 31 -14.99 -4.81 -3.93
N LEU E 32 -16.10 -4.71 -4.65
CA LEU E 32 -17.21 -3.81 -4.33
C LEU E 32 -18.48 -4.62 -4.62
N ASN E 33 -19.29 -4.87 -3.61
CA ASN E 33 -20.52 -5.64 -3.82
C ASN E 33 -21.75 -4.79 -3.54
N LEU E 34 -22.73 -4.88 -4.42
CA LEU E 34 -23.98 -4.13 -4.28
C LEU E 34 -25.19 -5.06 -4.47
N GLY E 35 -26.22 -4.89 -3.67
CA GLY E 35 -27.40 -5.72 -3.79
C GLY E 35 -28.35 -5.58 -2.62
N LYS E 36 -28.98 -6.67 -2.21
CA LYS E 36 -29.91 -6.65 -1.10
C LYS E 36 -29.24 -7.13 0.19
N ASP E 37 -28.38 -8.13 0.04
CA ASP E 37 -27.64 -8.71 1.15
C ASP E 37 -26.43 -9.43 0.59
N SER E 38 -25.57 -9.94 1.47
CA SER E 38 -24.36 -10.62 1.03
C SER E 38 -24.54 -11.73 0.00
N ASN E 39 -25.73 -12.35 -0.05
CA ASN E 39 -25.98 -13.44 -0.99
C ASN E 39 -26.79 -13.07 -2.23
N ASN E 40 -27.20 -11.81 -2.33
CA ASN E 40 -27.98 -11.38 -3.48
C ASN E 40 -27.46 -10.07 -4.00
N LEU E 41 -26.41 -10.19 -4.81
CA LEU E 41 -25.73 -9.05 -5.41
C LEU E 41 -26.09 -8.78 -6.86
N CYS E 42 -26.52 -7.56 -7.15
CA CYS E 42 -26.85 -7.20 -8.51
C CYS E 42 -25.54 -6.82 -9.22
N LEU E 43 -24.50 -6.55 -8.43
CA LEU E 43 -23.19 -6.22 -8.97
C LEU E 43 -22.02 -6.65 -8.09
N HIS E 44 -21.08 -7.36 -8.70
CA HIS E 44 -19.86 -7.80 -8.03
C HIS E 44 -18.75 -7.20 -8.87
N PHE E 45 -18.20 -6.09 -8.39
CA PHE E 45 -17.13 -5.36 -9.09
C PHE E 45 -15.76 -5.83 -8.59
N ASN E 46 -15.16 -6.75 -9.35
CA ASN E 46 -13.87 -7.31 -8.96
C ASN E 46 -12.72 -7.06 -9.92
N PRO E 47 -12.10 -5.88 -9.83
CA PRO E 47 -10.96 -5.65 -10.75
C PRO E 47 -9.77 -6.43 -10.20
N ARG E 48 -9.11 -7.20 -11.06
CA ARG E 48 -7.97 -8.02 -10.65
C ARG E 48 -6.64 -7.58 -11.23
N PHE E 49 -5.77 -7.02 -10.40
CA PHE E 49 -4.46 -6.60 -10.87
C PHE E 49 -3.74 -7.86 -11.27
N ASN E 50 -3.89 -8.88 -10.43
CA ASN E 50 -3.27 -10.17 -10.66
C ASN E 50 -3.80 -11.20 -9.66
N ALA E 51 -4.79 -11.97 -10.10
CA ALA E 51 -5.38 -12.98 -9.24
C ALA E 51 -6.30 -13.93 -10.03
N HIS E 52 -6.36 -15.19 -9.61
CA HIS E 52 -7.19 -16.20 -10.27
C HIS E 52 -6.80 -16.47 -11.73
N GLY E 53 -5.60 -16.06 -12.10
CA GLY E 53 -5.16 -16.27 -13.47
C GLY E 53 -5.43 -15.09 -14.38
N ASP E 54 -5.91 -13.99 -13.82
CA ASP E 54 -6.21 -12.78 -14.59
C ASP E 54 -5.36 -11.60 -14.15
N ALA E 55 -4.91 -10.82 -15.13
CA ALA E 55 -4.10 -9.64 -14.81
C ALA E 55 -4.70 -8.42 -15.47
N ASN E 56 -4.66 -7.30 -14.74
CA ASN E 56 -5.18 -6.03 -15.24
C ASN E 56 -6.50 -6.17 -15.98
N THR E 57 -7.43 -6.87 -15.36
CA THR E 57 -8.75 -7.09 -15.94
C THR E 57 -9.84 -6.97 -14.89
N ILE E 58 -10.95 -6.34 -15.26
CA ILE E 58 -12.08 -6.18 -14.36
C ILE E 58 -13.06 -7.30 -14.60
N VAL E 59 -13.44 -7.98 -13.53
CA VAL E 59 -14.41 -9.06 -13.66
C VAL E 59 -15.70 -8.67 -12.95
N CYS E 60 -16.81 -8.70 -13.67
CA CYS E 60 -18.10 -8.37 -13.09
C CYS E 60 -18.99 -9.60 -13.03
N ASN E 61 -19.97 -9.58 -12.13
CA ASN E 61 -20.88 -10.71 -12.01
C ASN E 61 -22.00 -10.35 -11.05
N SER E 62 -22.98 -11.27 -10.94
CA SER E 62 -24.12 -11.10 -10.05
C SER E 62 -24.24 -12.40 -9.26
N LYS E 63 -24.86 -12.32 -8.10
CA LYS E 63 -25.06 -13.51 -7.27
C LYS E 63 -26.52 -13.62 -6.85
N ASP E 64 -27.10 -14.81 -7.07
CA ASP E 64 -28.48 -15.07 -6.73
C ASP E 64 -28.57 -16.15 -5.65
N ASP E 65 -29.06 -15.77 -4.48
CA ASP E 65 -29.18 -16.69 -3.36
C ASP E 65 -27.89 -17.48 -3.15
N GLY E 66 -26.76 -16.80 -3.27
CA GLY E 66 -25.48 -17.46 -3.05
C GLY E 66 -24.76 -18.04 -4.26
N THR E 67 -25.46 -18.24 -5.36
CA THR E 67 -24.79 -18.82 -6.53
C THR E 67 -24.43 -17.76 -7.59
N TRP E 68 -23.19 -17.80 -8.08
CA TRP E 68 -22.70 -16.84 -9.08
C TRP E 68 -23.37 -16.95 -10.44
N GLY E 69 -23.35 -15.85 -11.18
CA GLY E 69 -23.94 -15.83 -12.50
C GLY E 69 -22.85 -15.92 -13.54
N THR E 70 -23.15 -15.49 -14.76
CA THR E 70 -22.17 -15.52 -15.83
C THR E 70 -21.22 -14.33 -15.71
N GLU E 71 -19.92 -14.60 -15.88
CA GLU E 71 -18.93 -13.54 -15.79
C GLU E 71 -18.82 -12.67 -17.04
N GLN E 72 -18.69 -11.38 -16.81
CA GLN E 72 -18.53 -10.42 -17.91
C GLN E 72 -17.22 -9.70 -17.61
N ARG E 73 -16.28 -9.77 -18.55
CA ARG E 73 -14.99 -9.14 -18.33
C ARG E 73 -14.73 -7.87 -19.16
N GLU E 74 -14.11 -6.89 -18.53
CA GLU E 74 -13.82 -5.63 -19.20
C GLU E 74 -12.31 -5.42 -19.29
N THR E 75 -11.88 -5.08 -20.49
CA THR E 75 -10.47 -4.88 -20.78
C THR E 75 -9.91 -3.57 -20.17
N ALA E 76 -10.74 -2.53 -20.12
CA ALA E 76 -10.34 -1.24 -19.54
C ALA E 76 -9.84 -1.43 -18.11
N PHE E 77 -8.72 -0.82 -17.75
CA PHE E 77 -8.20 -1.01 -16.40
C PHE E 77 -7.35 0.16 -15.92
N PRO E 78 -7.99 1.29 -15.57
CA PRO E 78 -7.28 2.48 -15.11
C PRO E 78 -6.92 2.46 -13.64
N PHE E 79 -6.24 1.41 -13.18
CA PHE E 79 -5.85 1.32 -11.76
C PHE E 79 -4.36 1.06 -11.54
N GLN E 80 -3.84 1.59 -10.44
CA GLN E 80 -2.42 1.44 -10.09
C GLN E 80 -2.28 1.17 -8.59
N PRO E 81 -1.38 0.24 -8.21
CA PRO E 81 -1.19 -0.07 -6.79
C PRO E 81 -0.70 1.16 -6.00
N GLY E 82 -0.95 1.15 -4.69
CA GLY E 82 -0.52 2.25 -3.85
C GLY E 82 -0.93 3.64 -4.28
N SER E 83 -2.15 3.80 -4.80
CA SER E 83 -2.64 5.10 -5.23
C SER E 83 -4.08 5.22 -4.80
N ILE E 84 -4.67 6.40 -4.98
CA ILE E 84 -6.07 6.62 -4.61
C ILE E 84 -6.93 6.80 -5.85
N THR E 85 -8.10 6.15 -5.83
CA THR E 85 -9.05 6.25 -6.94
C THR E 85 -10.46 6.25 -6.40
N GLU E 86 -11.40 6.32 -7.33
CA GLU E 86 -12.80 6.31 -6.96
C GLU E 86 -13.58 5.71 -8.11
N VAL E 87 -14.74 5.17 -7.78
CA VAL E 87 -15.60 4.56 -8.78
C VAL E 87 -16.97 5.18 -8.56
N CSO E 88 -17.63 5.52 -9.66
CA CSO E 88 -18.97 6.10 -9.63
CB CSO E 88 -19.00 7.37 -10.50
SG CSO E 88 -17.87 8.76 -10.01
C CSO E 88 -19.91 5.01 -10.21
O CSO E 88 -19.62 4.47 -11.27
OD CSO E 88 -16.72 8.65 -11.12
N ILE E 89 -20.99 4.70 -9.50
CA ILE E 89 -21.96 3.68 -9.94
C ILE E 89 -23.40 4.19 -9.93
N THR E 90 -24.09 4.01 -11.04
CA THR E 90 -25.48 4.45 -11.15
C THR E 90 -26.33 3.26 -11.59
N PHE E 91 -27.65 3.37 -11.50
CA PHE E 91 -28.45 2.24 -11.92
C PHE E 91 -29.89 2.55 -12.27
N ASP E 92 -30.50 1.61 -12.97
CA ASP E 92 -31.90 1.67 -13.40
C ASP E 92 -32.30 0.26 -13.81
N GLN E 93 -33.61 0.04 -14.00
CA GLN E 93 -34.13 -1.28 -14.38
C GLN E 93 -33.24 -1.96 -15.41
N ALA E 94 -32.85 -1.19 -16.43
CA ALA E 94 -32.01 -1.68 -17.51
C ALA E 94 -30.76 -2.38 -17.00
N ASP E 95 -29.80 -1.58 -16.57
CA ASP E 95 -28.55 -2.10 -16.04
C ASP E 95 -27.85 -1.07 -15.18
N LEU E 96 -26.72 -1.45 -14.61
CA LEU E 96 -25.93 -0.55 -13.79
C LEU E 96 -24.86 0.05 -14.69
N THR E 97 -24.40 1.25 -14.35
CA THR E 97 -23.38 1.89 -15.14
C THR E 97 -22.15 2.24 -14.29
N ILE E 98 -21.07 1.48 -14.48
CA ILE E 98 -19.85 1.73 -13.73
C ILE E 98 -19.07 2.80 -14.47
N LYS E 99 -18.67 3.84 -13.76
CA LYS E 99 -17.93 4.93 -14.37
C LYS E 99 -16.54 4.98 -13.76
N LEU E 100 -15.53 4.62 -14.55
CA LEU E 100 -14.14 4.61 -14.09
C LEU E 100 -13.52 6.00 -14.00
N PRO E 101 -12.52 6.16 -13.12
CA PRO E 101 -11.84 7.44 -12.90
C PRO E 101 -11.15 8.02 -14.13
N ASP E 102 -10.84 7.16 -15.09
CA ASP E 102 -10.17 7.61 -16.30
C ASP E 102 -11.14 8.14 -17.35
N GLY E 103 -12.39 8.33 -16.94
CA GLY E 103 -13.36 8.85 -17.87
C GLY E 103 -14.42 7.92 -18.41
N HIS E 104 -14.01 6.86 -19.11
CA HIS E 104 -15.01 5.96 -19.68
C HIS E 104 -15.72 5.01 -18.72
N GLU E 105 -16.93 4.67 -19.12
CA GLU E 105 -17.84 3.83 -18.34
C GLU E 105 -18.40 2.69 -19.18
N PHE E 106 -18.79 1.61 -18.51
CA PHE E 106 -19.37 0.47 -19.21
C PHE E 106 -20.63 0.03 -18.46
N LYS E 107 -21.41 -0.84 -19.09
CA LYS E 107 -22.63 -1.29 -18.45
C LYS E 107 -22.68 -2.78 -18.14
N PHE E 108 -23.42 -3.11 -17.10
CA PHE E 108 -23.62 -4.47 -16.63
C PHE E 108 -25.12 -4.60 -16.37
N PRO E 109 -25.78 -5.56 -17.02
CA PRO E 109 -27.23 -5.81 -16.89
C PRO E 109 -27.71 -6.14 -15.49
N ASN E 110 -28.83 -5.53 -15.11
CA ASN E 110 -29.45 -5.75 -13.79
C ASN E 110 -30.24 -7.07 -13.76
N ARG E 111 -29.52 -8.19 -13.91
CA ARG E 111 -30.11 -9.53 -13.94
C ARG E 111 -31.14 -9.84 -12.84
N LEU E 112 -30.80 -9.60 -11.58
CA LEU E 112 -31.74 -9.85 -10.48
C LEU E 112 -32.95 -8.93 -10.53
N ASN E 113 -32.93 -7.99 -11.46
CA ASN E 113 -34.02 -7.06 -11.67
C ASN E 113 -34.51 -6.37 -10.40
N MET E 114 -33.59 -5.95 -9.54
CA MET E 114 -34.02 -5.26 -8.32
C MET E 114 -34.09 -3.78 -8.58
N GLU E 115 -34.98 -3.12 -7.85
CA GLU E 115 -35.17 -1.68 -8.02
C GLU E 115 -34.70 -0.82 -6.84
N ALA E 116 -33.74 -1.32 -6.07
CA ALA E 116 -33.21 -0.58 -4.95
C ALA E 116 -31.97 -1.25 -4.34
N ILE E 117 -30.81 -0.62 -4.46
CA ILE E 117 -29.61 -1.18 -3.85
C ILE E 117 -29.75 -0.82 -2.37
N ASN E 118 -29.49 -1.80 -1.49
CA ASN E 118 -29.61 -1.59 -0.05
C ASN E 118 -28.38 -2.08 0.70
N TYR E 119 -27.56 -2.83 0.00
CA TYR E 119 -26.36 -3.39 0.60
C TYR E 119 -25.12 -3.01 -0.18
N MET E 120 -24.01 -2.83 0.53
CA MET E 120 -22.75 -2.50 -0.08
C MET E 120 -21.64 -3.09 0.77
N ALA E 121 -20.59 -3.60 0.14
CA ALA E 121 -19.49 -4.20 0.89
C ALA E 121 -18.20 -4.09 0.09
N ALA E 122 -17.15 -3.64 0.74
CA ALA E 122 -15.86 -3.50 0.08
C ALA E 122 -14.99 -4.65 0.57
N ASP E 123 -14.12 -5.13 -0.29
CA ASP E 123 -13.24 -6.24 0.09
C ASP E 123 -11.96 -6.14 -0.73
N GLY E 124 -10.95 -6.93 -0.37
CA GLY E 124 -9.71 -6.89 -1.12
C GLY E 124 -8.72 -5.85 -0.67
N ASP E 125 -7.80 -5.46 -1.55
CA ASP E 125 -6.78 -4.48 -1.23
C ASP E 125 -7.24 -3.05 -1.54
N PHE E 126 -8.32 -2.64 -0.90
CA PHE E 126 -8.89 -1.33 -1.13
C PHE E 126 -9.38 -0.78 0.20
N LYS E 127 -8.84 0.35 0.61
CA LYS E 127 -9.24 0.97 1.87
C LYS E 127 -10.07 2.22 1.57
N ILE E 128 -11.36 2.17 1.91
CA ILE E 128 -12.28 3.27 1.68
C ILE E 128 -11.97 4.50 2.54
N LYS E 129 -12.04 5.68 1.92
CA LYS E 129 -11.77 6.93 2.63
C LYS E 129 -13.02 7.80 2.60
N CSO E 130 -13.75 7.73 1.50
CA CSO E 130 -14.96 8.53 1.33
CB CSO E 130 -14.60 9.76 0.49
SG CSO E 130 -15.98 10.70 -0.15
C CSO E 130 -16.05 7.73 0.64
O CSO E 130 -15.76 6.79 -0.10
OD CSO E 130 -15.88 10.39 -1.69
N VAL E 131 -17.30 8.07 0.91
CA VAL E 131 -18.44 7.42 0.28
C VAL E 131 -19.51 8.50 0.18
N ALA E 132 -20.01 8.76 -1.03
CA ALA E 132 -21.00 9.80 -1.19
C ALA E 132 -22.24 9.31 -1.91
N PHE E 133 -23.36 9.96 -1.66
CA PHE E 133 -24.61 9.59 -2.29
C PHE E 133 -25.18 10.82 -2.96
N GLU E 134 -24.78 11.06 -4.20
CA GLU E 134 -25.28 12.20 -4.94
C GLU E 134 -26.14 11.75 -6.13
N GLY F 3 -32.81 4.16 8.10
CA GLY F 3 -31.48 4.84 8.38
C GLY F 3 -30.26 4.01 7.99
N LEU F 4 -29.29 4.65 7.36
CA LEU F 4 -28.06 3.96 6.93
C LEU F 4 -27.30 3.31 8.09
N VAL F 5 -26.74 2.14 7.83
CA VAL F 5 -26.00 1.43 8.88
C VAL F 5 -24.71 0.87 8.32
N ALA F 6 -23.59 1.24 8.93
CA ALA F 6 -22.29 0.75 8.47
C ALA F 6 -21.62 -0.02 9.59
N SER F 7 -20.93 -1.10 9.24
CA SER F 7 -20.23 -1.90 10.25
C SER F 7 -18.85 -2.24 9.71
N ASN F 8 -18.02 -2.88 10.54
CA ASN F 8 -16.67 -3.25 10.10
C ASN F 8 -15.90 -2.02 9.73
N LEU F 9 -16.40 -0.85 10.12
CA LEU F 9 -15.69 0.38 9.80
C LEU F 9 -14.65 0.62 10.88
N ASN F 10 -13.69 -0.28 10.93
CA ASN F 10 -12.62 -0.24 11.90
C ASN F 10 -12.01 1.15 12.02
N LEU F 11 -12.44 1.88 13.04
CA LEU F 11 -11.98 3.23 13.29
C LEU F 11 -11.16 3.21 14.56
N LYS F 12 -9.95 3.73 14.50
CA LYS F 12 -9.05 3.75 15.65
C LYS F 12 -8.83 5.16 16.24
N PRO F 13 -8.39 5.22 17.52
CA PRO F 13 -8.15 6.53 18.16
C PRO F 13 -7.19 7.39 17.37
N GLY F 14 -7.58 8.64 17.15
CA GLY F 14 -6.73 9.53 16.39
C GLY F 14 -7.30 9.75 15.00
N GLU F 15 -8.24 8.91 14.60
CA GLU F 15 -8.89 9.06 13.30
C GLU F 15 -10.16 9.90 13.46
N CYS F 16 -10.53 10.62 12.42
CA CYS F 16 -11.70 11.47 12.45
C CYS F 16 -12.78 10.93 11.52
N LEU F 17 -13.98 10.71 12.06
CA LEU F 17 -15.10 10.24 11.25
C LEU F 17 -15.94 11.45 10.91
N LYS F 18 -16.06 11.76 9.62
CA LYS F 18 -16.84 12.90 9.17
C LYS F 18 -18.15 12.41 8.56
N VAL F 19 -19.27 12.90 9.09
CA VAL F 19 -20.58 12.49 8.58
C VAL F 19 -21.35 13.71 8.09
N ARG F 20 -21.83 13.63 6.86
CA ARG F 20 -22.60 14.73 6.27
C ARG F 20 -23.91 14.27 5.67
N GLY F 21 -24.97 14.99 5.97
CA GLY F 21 -26.28 14.66 5.44
C GLY F 21 -27.15 15.89 5.40
N GLU F 22 -28.40 15.73 5.01
CA GLU F 22 -29.31 16.87 4.96
C GLU F 22 -30.49 16.59 5.86
N LEU F 23 -30.89 17.61 6.60
CA LEU F 23 -32.02 17.49 7.51
C LEU F 23 -33.29 17.67 6.69
N ALA F 24 -34.34 16.94 7.08
CA ALA F 24 -35.61 17.04 6.40
C ALA F 24 -36.08 18.48 6.61
N PRO F 25 -37.04 18.93 5.80
CA PRO F 25 -37.53 20.31 5.97
C PRO F 25 -38.13 20.53 7.37
N ASP F 26 -38.92 19.56 7.82
CA ASP F 26 -39.59 19.61 9.12
C ASP F 26 -38.77 18.85 10.17
N ALA F 27 -37.45 18.85 10.00
CA ALA F 27 -36.53 18.17 10.91
C ALA F 27 -36.72 18.60 12.35
N LYS F 28 -36.97 17.63 13.23
CA LYS F 28 -37.15 17.88 14.66
C LYS F 28 -35.92 17.39 15.42
N SER F 29 -35.47 16.18 15.08
CA SER F 29 -34.29 15.58 15.72
C SER F 29 -33.72 14.49 14.82
N PHE F 30 -32.54 14.00 15.19
CA PHE F 30 -31.92 12.92 14.44
C PHE F 30 -30.93 12.22 15.35
N VAL F 31 -30.49 11.02 14.95
CA VAL F 31 -29.57 10.24 15.77
C VAL F 31 -28.38 9.64 15.06
N LEU F 32 -27.29 9.52 15.80
CA LEU F 32 -26.05 8.91 15.31
C LEU F 32 -25.62 7.95 16.41
N ASN F 33 -25.53 6.67 16.10
CA ASN F 33 -25.10 5.68 17.09
C ASN F 33 -23.75 5.13 16.69
N LEU F 34 -22.81 5.10 17.65
CA LEU F 34 -21.46 4.57 17.39
C LEU F 34 -21.11 3.52 18.44
N GLY F 35 -20.35 2.50 18.04
CA GLY F 35 -19.95 1.45 18.99
C GLY F 35 -19.44 0.18 18.33
N LYS F 36 -19.78 -0.97 18.92
CA LYS F 36 -19.38 -2.28 18.39
C LYS F 36 -20.53 -2.86 17.58
N ASP F 37 -21.73 -2.73 18.14
CA ASP F 37 -22.95 -3.21 17.51
C ASP F 37 -24.10 -2.39 18.04
N SER F 38 -25.32 -2.78 17.66
CA SER F 38 -26.53 -2.08 18.08
C SER F 38 -26.77 -2.04 19.59
N ASN F 39 -26.14 -2.95 20.33
CA ASN F 39 -26.34 -3.00 21.79
C ASN F 39 -25.16 -2.50 22.60
N ASN F 40 -24.07 -2.14 21.93
CA ASN F 40 -22.91 -1.63 22.64
C ASN F 40 -22.42 -0.37 21.94
N LEU F 41 -22.99 0.74 22.39
CA LEU F 41 -22.71 2.05 21.85
C LEU F 41 -21.93 2.92 22.82
N CYS F 42 -20.77 3.40 22.39
CA CYS F 42 -19.96 4.29 23.20
C CYS F 42 -20.54 5.71 23.06
N LEU F 43 -21.33 5.93 22.00
CA LEU F 43 -21.96 7.23 21.77
C LEU F 43 -23.33 7.19 21.09
N HIS F 44 -24.30 7.85 21.72
CA HIS F 44 -25.66 7.97 21.22
C HIS F 44 -25.85 9.46 21.10
N PHE F 45 -25.53 10.00 19.92
CA PHE F 45 -25.64 11.44 19.67
C PHE F 45 -27.05 11.77 19.17
N ASN F 46 -27.81 12.49 19.99
CA ASN F 46 -29.19 12.82 19.64
C ASN F 46 -29.54 14.30 19.82
N PRO F 47 -29.28 15.13 18.80
CA PRO F 47 -29.59 16.55 18.86
C PRO F 47 -31.07 16.81 18.64
N ARG F 48 -31.59 17.86 19.26
CA ARG F 48 -32.99 18.21 19.11
C ARG F 48 -33.18 19.72 18.95
N PHE F 49 -33.94 20.08 17.92
CA PHE F 49 -34.30 21.47 17.63
C PHE F 49 -35.74 21.36 18.05
N ASN F 50 -35.95 20.29 18.82
CA ASN F 50 -37.21 19.88 19.40
C ASN F 50 -36.84 18.88 20.51
N ALA F 55 -36.43 20.17 24.55
CA ALA F 55 -36.64 21.51 23.92
C ALA F 55 -35.32 22.11 23.48
N ASN F 56 -34.84 21.69 22.31
CA ASN F 56 -33.58 22.19 21.76
C ASN F 56 -32.40 21.89 22.67
N THR F 57 -31.86 20.69 22.54
CA THR F 57 -30.73 20.24 23.33
C THR F 57 -30.09 19.04 22.64
N ILE F 58 -28.94 18.62 23.14
CA ILE F 58 -28.25 17.47 22.56
C ILE F 58 -28.14 16.38 23.62
N VAL F 59 -29.00 15.39 23.55
CA VAL F 59 -28.92 14.28 24.50
C VAL F 59 -27.79 13.36 24.08
N CYS F 60 -26.96 12.93 25.03
CA CYS F 60 -25.84 12.03 24.76
C CYS F 60 -25.90 10.86 25.73
N ASN F 61 -25.54 9.68 25.26
CA ASN F 61 -25.58 8.51 26.11
C ASN F 61 -24.72 7.37 25.59
N SER F 62 -24.69 6.29 26.35
CA SER F 62 -23.97 5.09 25.99
C SER F 62 -24.89 3.91 26.28
N LYS F 63 -24.64 2.79 25.63
CA LYS F 63 -25.46 1.61 25.89
C LYS F 63 -24.53 0.42 26.09
N ASP F 64 -24.69 -0.24 27.21
CA ASP F 64 -23.88 -1.39 27.53
C ASP F 64 -24.78 -2.62 27.43
N ASP F 65 -24.29 -3.64 26.74
CA ASP F 65 -25.06 -4.86 26.55
C ASP F 65 -26.56 -4.60 26.46
N GLY F 66 -26.93 -3.58 25.69
CA GLY F 66 -28.32 -3.25 25.49
C GLY F 66 -29.03 -2.35 26.49
N THR F 67 -28.40 -2.04 27.61
CA THR F 67 -29.05 -1.21 28.61
C THR F 67 -28.44 0.19 28.60
N TRP F 68 -29.29 1.21 28.57
CA TRP F 68 -28.79 2.58 28.54
C TRP F 68 -28.01 2.93 29.79
N GLY F 69 -27.23 4.01 29.69
CA GLY F 69 -26.45 4.47 30.82
C GLY F 69 -26.96 5.84 31.19
N THR F 70 -26.43 6.39 32.28
CA THR F 70 -26.83 7.71 32.74
C THR F 70 -26.92 8.71 31.58
N GLU F 71 -28.14 9.13 31.24
CA GLU F 71 -28.32 10.09 30.16
C GLU F 71 -27.78 11.45 30.59
N GLN F 72 -27.15 12.14 29.65
CA GLN F 72 -26.54 13.44 29.90
C GLN F 72 -26.91 14.37 28.75
N ARG F 73 -27.63 15.45 29.06
CA ARG F 73 -28.07 16.42 28.05
C ARG F 73 -27.17 17.66 28.04
N GLU F 74 -26.83 18.16 26.85
CA GLU F 74 -25.98 19.33 26.72
C GLU F 74 -26.00 19.97 25.34
N PRO F 81 -32.77 23.18 9.64
CA PRO F 81 -33.64 22.19 9.01
C PRO F 81 -33.57 22.33 7.50
N GLY F 82 -33.97 21.27 6.78
CA GLY F 82 -33.93 21.32 5.33
C GLY F 82 -32.54 21.67 4.77
N SER F 83 -31.55 21.84 5.65
CA SER F 83 -30.18 22.16 5.22
C SER F 83 -29.32 20.90 5.19
N ILE F 84 -28.01 21.10 4.97
CA ILE F 84 -27.06 19.99 4.91
C ILE F 84 -25.94 20.23 5.92
N THR F 85 -26.05 19.64 7.12
CA THR F 85 -25.01 19.82 8.12
C THR F 85 -24.00 18.71 8.09
N GLU F 86 -23.05 18.78 9.01
CA GLU F 86 -21.96 17.83 9.06
C GLU F 86 -21.44 17.70 10.49
N VAL F 87 -21.16 16.47 10.91
CA VAL F 87 -20.64 16.21 12.25
C VAL F 87 -19.31 15.49 12.16
N CSO F 88 -18.31 16.02 12.87
CA CSO F 88 -16.97 15.46 12.90
CB CSO F 88 -15.91 16.57 12.77
SG CSO F 88 -15.95 17.67 11.27
C CSO F 88 -16.90 14.78 14.28
O CSO F 88 -17.24 15.41 15.29
OD CSO F 88 -16.63 19.02 11.81
N ILE F 89 -16.48 13.52 14.34
CA ILE F 89 -16.37 12.80 15.62
C ILE F 89 -15.02 12.11 15.74
N THR F 90 -14.37 12.29 16.89
CA THR F 90 -13.05 11.69 17.13
C THR F 90 -13.03 11.12 18.52
N PHE F 91 -12.07 10.25 18.80
CA PHE F 91 -11.99 9.68 20.14
C PHE F 91 -10.62 9.15 20.53
N ASP F 92 -10.51 8.82 21.81
CA ASP F 92 -9.28 8.28 22.38
C ASP F 92 -9.66 7.44 23.58
N GLN F 93 -8.67 7.08 24.39
CA GLN F 93 -8.87 6.26 25.57
C GLN F 93 -9.85 6.88 26.56
N ALA F 94 -9.64 8.15 26.86
CA ALA F 94 -10.47 8.89 27.81
C ALA F 94 -11.88 9.22 27.35
N ASP F 95 -12.00 9.87 26.19
CA ASP F 95 -13.32 10.24 25.70
C ASP F 95 -13.44 10.57 24.22
N LEU F 96 -14.69 10.71 23.78
CA LEU F 96 -14.99 11.03 22.39
C LEU F 96 -15.09 12.54 22.28
N THR F 97 -14.80 13.06 21.10
CA THR F 97 -14.88 14.49 20.89
C THR F 97 -15.77 14.78 19.68
N ILE F 98 -16.92 15.39 19.93
CA ILE F 98 -17.85 15.74 18.87
C ILE F 98 -17.55 17.17 18.48
N LYS F 99 -17.38 17.41 17.19
CA LYS F 99 -17.10 18.75 16.71
C LYS F 99 -18.26 19.17 15.80
N LEU F 100 -19.01 20.18 16.23
CA LEU F 100 -20.14 20.69 15.46
C LEU F 100 -19.60 21.59 14.33
N PRO F 101 -20.43 21.87 13.32
CA PRO F 101 -20.04 22.71 12.18
C PRO F 101 -19.53 24.13 12.44
N ASP F 102 -19.92 24.72 13.57
CA ASP F 102 -19.50 26.08 13.90
C ASP F 102 -18.07 26.11 14.44
N GLY F 103 -17.40 24.96 14.42
CA GLY F 103 -16.05 24.86 14.93
C GLY F 103 -16.02 24.40 16.37
N HIS F 104 -17.08 24.73 17.11
CA HIS F 104 -17.22 24.38 18.51
C HIS F 104 -17.21 22.86 18.75
N GLU F 105 -16.64 22.42 19.88
CA GLU F 105 -16.60 21.00 20.19
C GLU F 105 -16.67 20.71 21.69
N PHE F 106 -17.37 19.65 22.05
CA PHE F 106 -17.52 19.22 23.44
C PHE F 106 -17.14 17.75 23.58
N LYS F 107 -16.96 17.28 24.81
CA LYS F 107 -16.56 15.91 25.00
C LYS F 107 -17.55 15.05 25.77
N PHE F 108 -17.46 13.74 25.55
CA PHE F 108 -18.31 12.75 26.22
C PHE F 108 -17.40 11.58 26.55
N PRO F 109 -17.39 11.15 27.82
CA PRO F 109 -16.54 10.04 28.25
C PRO F 109 -16.76 8.70 27.55
N ASN F 110 -15.65 8.01 27.32
CA ASN F 110 -15.66 6.69 26.69
C ASN F 110 -15.90 5.69 27.83
N ARG F 111 -17.11 5.71 28.39
CA ARG F 111 -17.47 4.84 29.51
C ARG F 111 -17.13 3.37 29.27
N LEU F 112 -17.59 2.81 28.14
CA LEU F 112 -17.33 1.41 27.84
C LEU F 112 -15.84 1.19 27.66
N ASN F 113 -15.15 2.26 27.28
CA ASN F 113 -13.70 2.20 27.12
C ASN F 113 -13.21 1.32 25.99
N MET F 114 -13.83 1.43 24.82
CA MET F 114 -13.40 0.61 23.71
C MET F 114 -12.30 1.31 22.92
N GLU F 115 -11.40 0.51 22.33
CA GLU F 115 -10.30 1.06 21.55
C GLU F 115 -10.57 1.11 20.05
N ALA F 116 -11.74 0.65 19.62
CA ALA F 116 -12.08 0.66 18.21
C ALA F 116 -13.58 0.84 18.05
N ILE F 117 -13.97 1.55 16.99
CA ILE F 117 -15.38 1.77 16.70
C ILE F 117 -15.66 1.06 15.38
N ASN F 118 -16.53 0.06 15.39
CA ASN F 118 -16.84 -0.66 14.16
C ASN F 118 -18.29 -0.56 13.73
N TYR F 119 -19.08 0.18 14.48
CA TYR F 119 -20.48 0.28 14.14
C TYR F 119 -21.01 1.69 14.14
N MET F 120 -21.82 1.98 13.13
CA MET F 120 -22.45 3.28 13.00
C MET F 120 -23.85 3.07 12.48
N ALA F 121 -24.76 3.90 12.97
CA ALA F 121 -26.15 3.84 12.54
C ALA F 121 -26.75 5.23 12.57
N ALA F 122 -27.41 5.60 11.49
CA ALA F 122 -28.07 6.90 11.40
C ALA F 122 -29.56 6.57 11.54
N ASP F 123 -30.30 7.49 12.15
CA ASP F 123 -31.72 7.29 12.37
C ASP F 123 -32.35 8.66 12.58
N GLY F 124 -33.58 8.84 12.14
CA GLY F 124 -34.24 10.12 12.33
C GLY F 124 -34.38 10.97 11.08
N ASP F 125 -34.53 12.28 11.29
CA ASP F 125 -34.70 13.21 10.18
C ASP F 125 -33.35 13.69 9.64
N PHE F 126 -32.47 12.72 9.35
CA PHE F 126 -31.14 13.00 8.85
C PHE F 126 -30.86 12.01 7.70
N LYS F 127 -30.48 12.56 6.54
CA LYS F 127 -30.19 11.74 5.37
C LYS F 127 -28.70 11.79 5.02
N ILE F 128 -27.98 10.71 5.36
CA ILE F 128 -26.54 10.64 5.07
C ILE F 128 -26.25 10.81 3.58
N LYS F 129 -25.23 11.61 3.25
CA LYS F 129 -24.86 11.84 1.87
C LYS F 129 -23.36 11.61 1.68
N CSO F 130 -22.59 11.75 2.76
CA CSO F 130 -21.16 11.52 2.69
CB CSO F 130 -20.43 12.81 2.28
SG CSO F 130 -18.58 12.71 2.28
C CSO F 130 -20.63 11.05 4.02
O CSO F 130 -21.06 11.52 5.06
OD CSO F 130 -18.23 13.64 3.53
N VAL F 131 -19.73 10.08 3.99
CA VAL F 131 -19.09 9.56 5.18
C VAL F 131 -17.63 9.48 4.78
N ALA F 132 -16.77 10.07 5.60
CA ALA F 132 -15.35 10.07 5.31
C ALA F 132 -14.54 9.71 6.54
N PHE F 133 -13.33 9.20 6.32
CA PHE F 133 -12.46 8.84 7.42
C PHE F 133 -11.15 9.58 7.27
N GLU F 134 -10.98 10.58 8.13
CA GLU F 134 -9.78 11.40 8.14
C GLU F 134 -8.93 10.90 9.33
N GLY G 3 30.10 1.92 2.87
CA GLY G 3 28.69 1.59 3.28
C GLY G 3 27.73 1.45 2.11
N LEU G 4 26.90 0.40 2.13
CA LEU G 4 25.94 0.17 1.04
C LEU G 4 24.97 1.32 0.83
N VAL G 5 24.64 1.58 -0.43
CA VAL G 5 23.72 2.65 -0.74
C VAL G 5 22.72 2.21 -1.80
N ALA G 6 21.44 2.30 -1.48
CA ALA G 6 20.38 1.92 -2.41
C ALA G 6 19.51 3.12 -2.74
N SER G 7 19.10 3.24 -3.98
CA SER G 7 18.23 4.35 -4.38
C SER G 7 17.11 3.80 -5.28
N ASN G 8 16.17 4.65 -5.64
CA ASN G 8 15.05 4.21 -6.48
C ASN G 8 14.27 3.12 -5.77
N LEU G 9 14.50 2.95 -4.48
CA LEU G 9 13.78 1.92 -3.74
C LEU G 9 12.45 2.51 -3.30
N ASN G 10 11.62 2.80 -4.29
CA ASN G 10 10.31 3.38 -4.07
C ASN G 10 9.55 2.67 -2.97
N LEU G 11 9.58 3.24 -1.77
CA LEU G 11 8.90 2.67 -0.61
C LEU G 11 7.75 3.60 -0.25
N LYS G 12 6.56 3.05 -0.11
CA LYS G 12 5.39 3.85 0.21
C LYS G 12 4.86 3.61 1.62
N PRO G 13 4.04 4.53 2.15
CA PRO G 13 3.48 4.38 3.49
C PRO G 13 2.69 3.08 3.64
N GLY G 14 2.98 2.34 4.70
CA GLY G 14 2.31 1.08 4.91
C GLY G 14 3.22 -0.08 4.62
N GLU G 15 4.34 0.19 3.95
CA GLU G 15 5.31 -0.86 3.63
C GLU G 15 6.35 -0.89 4.72
N CYS G 16 6.93 -2.06 4.94
CA CYS G 16 7.94 -2.24 5.97
C CYS G 16 9.32 -2.52 5.37
N LEU G 17 10.31 -1.72 5.73
CA LEU G 17 11.66 -1.93 5.24
C LEU G 17 12.44 -2.66 6.32
N LYS G 18 12.88 -3.88 6.02
CA LYS G 18 13.63 -4.68 6.98
C LYS G 18 15.10 -4.70 6.58
N VAL G 19 15.95 -4.26 7.51
CA VAL G 19 17.39 -4.23 7.26
C VAL G 19 18.14 -5.10 8.26
N ARG G 20 18.96 -6.00 7.75
CA ARG G 20 19.72 -6.89 8.61
C ARG G 20 21.21 -6.90 8.26
N GLY G 21 22.05 -6.80 9.28
CA GLY G 21 23.48 -6.81 9.05
C GLY G 21 24.18 -7.31 10.29
N GLU G 22 25.50 -7.31 10.28
CA GLU G 22 26.24 -7.74 11.45
C GLU G 22 27.13 -6.63 11.94
N LEU G 23 27.18 -6.45 13.26
CA LEU G 23 28.00 -5.41 13.84
C LEU G 23 29.42 -5.93 13.91
N ALA G 24 30.38 -5.02 13.75
CA ALA G 24 31.79 -5.38 13.83
C ALA G 24 32.02 -5.83 15.26
N PRO G 25 33.11 -6.55 15.52
CA PRO G 25 33.36 -7.01 16.89
C PRO G 25 33.50 -5.81 17.86
N ASP G 26 34.22 -4.80 17.41
CA ASP G 26 34.45 -3.60 18.21
C ASP G 26 33.46 -2.50 17.85
N ALA G 27 32.26 -2.91 17.43
CA ALA G 27 31.21 -1.98 17.05
C ALA G 27 30.92 -0.96 18.13
N LYS G 28 31.00 0.32 17.76
CA LYS G 28 30.73 1.42 18.67
C LYS G 28 29.38 2.07 18.29
N SER G 29 29.19 2.31 17.00
CA SER G 29 27.96 2.91 16.50
C SER G 29 27.80 2.59 15.02
N PHE G 30 26.63 2.92 14.47
CA PHE G 30 26.38 2.71 13.06
C PHE G 30 25.26 3.62 12.64
N VAL G 31 25.10 3.82 11.32
CA VAL G 31 24.10 4.73 10.79
C VAL G 31 23.23 4.22 9.66
N LEU G 32 21.99 4.66 9.64
CA LEU G 32 21.03 4.32 8.60
C LEU G 32 20.40 5.63 8.16
N ASN G 33 20.56 5.99 6.88
CA ASN G 33 19.97 7.22 6.41
C ASN G 33 18.87 6.91 5.43
N LEU G 34 17.71 7.55 5.61
CA LEU G 34 16.57 7.34 4.71
C LEU G 34 16.04 8.68 4.19
N GLY G 35 15.56 8.71 2.95
CA GLY G 35 15.02 9.95 2.39
C GLY G 35 14.87 9.95 0.89
N LYS G 36 15.15 11.09 0.25
CA LYS G 36 15.07 11.23 -1.21
C LYS G 36 16.48 11.07 -1.78
N ASP G 37 17.44 11.72 -1.14
CA ASP G 37 18.83 11.67 -1.55
C ASP G 37 19.68 11.94 -0.32
N SER G 38 20.99 12.05 -0.53
CA SER G 38 21.94 12.30 0.55
C SER G 38 21.72 13.59 1.33
N ASN G 39 21.01 14.55 0.75
CA ASN G 39 20.77 15.82 1.42
C ASN G 39 19.36 16.02 1.93
N ASN G 40 18.49 15.04 1.70
CA ASN G 40 17.11 15.17 2.17
C ASN G 40 16.70 13.87 2.79
N LEU G 41 16.98 13.80 4.09
CA LEU G 41 16.72 12.63 4.89
C LEU G 41 15.61 12.83 5.90
N CYS G 42 14.60 11.97 5.83
CA CYS G 42 13.49 12.04 6.76
C CYS G 42 13.91 11.31 8.04
N LEU G 43 14.96 10.52 7.94
CA LEU G 43 15.47 9.78 9.09
C LEU G 43 16.98 9.50 9.08
N HIS G 44 17.63 9.92 10.16
CA HIS G 44 19.05 9.68 10.37
C HIS G 44 19.08 8.85 11.65
N PHE G 45 19.09 7.53 11.50
CA PHE G 45 19.08 6.62 12.65
C PHE G 45 20.52 6.30 13.06
N ASN G 46 20.93 6.80 14.21
CA ASN G 46 22.29 6.60 14.68
C ASN G 46 22.42 6.09 16.10
N PRO G 47 22.36 4.75 16.29
CA PRO G 47 22.48 4.15 17.61
C PRO G 47 23.93 4.13 18.10
N ARG G 48 24.13 4.22 19.41
CA ARG G 48 25.48 4.21 19.98
C ARG G 48 25.53 3.36 21.26
N PHE G 49 26.64 2.65 21.45
CA PHE G 49 26.78 1.76 22.60
C PHE G 49 28.25 1.51 23.04
N ASN G 50 28.41 0.94 24.23
CA ASN G 50 29.73 0.61 24.83
C ASN G 50 30.40 1.76 25.61
N ALA G 55 26.91 8.47 25.00
CA ALA G 55 27.13 7.31 25.91
C ALA G 55 25.94 6.37 25.89
N ASN G 56 25.86 5.51 24.86
CA ASN G 56 24.77 4.56 24.73
C ASN G 56 23.41 5.23 24.60
N THR G 57 23.09 5.59 23.37
CA THR G 57 21.83 6.27 23.08
C THR G 57 21.57 6.16 21.59
N ILE G 58 20.38 6.56 21.17
CA ILE G 58 20.00 6.53 19.76
C ILE G 58 19.71 7.95 19.28
N VAL G 59 20.66 8.56 18.60
CA VAL G 59 20.44 9.90 18.09
C VAL G 59 19.60 9.78 16.83
N CYS G 60 18.58 10.63 16.68
CA CYS G 60 17.71 10.62 15.51
C CYS G 60 17.63 12.04 14.97
N ASN G 61 17.54 12.16 13.65
CA ASN G 61 17.46 13.48 13.06
C ASN G 61 16.95 13.46 11.63
N SER G 62 16.80 14.65 11.06
CA SER G 62 16.35 14.81 9.68
C SER G 62 17.27 15.83 9.03
N LYS G 63 17.37 15.80 7.71
CA LYS G 63 18.20 16.77 7.02
C LYS G 63 17.39 17.35 5.87
N ASP G 64 17.31 18.67 5.86
CA ASP G 64 16.58 19.36 4.81
C ASP G 64 17.59 20.07 3.94
N ASP G 65 17.45 19.89 2.63
CA ASP G 65 18.38 20.50 1.68
C ASP G 65 19.81 20.60 2.24
N GLY G 66 20.27 19.51 2.85
CA GLY G 66 21.62 19.45 3.38
C GLY G 66 21.91 19.99 4.78
N THR G 67 20.93 20.63 5.40
CA THR G 67 21.14 21.20 6.73
C THR G 67 20.38 20.35 7.79
N TRP G 68 21.09 19.97 8.84
CA TRP G 68 20.48 19.16 9.89
C TRP G 68 19.39 19.91 10.61
N GLY G 69 18.69 19.22 11.49
CA GLY G 69 17.62 19.86 12.24
C GLY G 69 17.87 19.67 13.73
N THR G 70 16.80 19.74 14.50
CA THR G 70 16.90 19.56 15.93
C THR G 70 17.23 18.10 16.23
N GLU G 71 18.40 17.85 16.79
CA GLU G 71 18.81 16.50 17.13
C GLU G 71 17.93 15.96 18.26
N GLN G 72 17.71 14.65 18.26
CA GLN G 72 16.86 14.02 19.26
C GLN G 72 17.52 12.72 19.72
N ARG G 73 17.61 12.49 21.03
CA ARG G 73 18.23 11.29 21.57
C ARG G 73 17.26 10.43 22.40
N GLU G 74 17.43 9.11 22.33
CA GLU G 74 16.54 8.20 23.07
C GLU G 74 17.04 6.76 23.21
N PRO G 81 27.57 -6.38 19.99
CA PRO G 81 28.61 -6.20 18.97
C PRO G 81 28.92 -7.53 18.34
N GLY G 82 29.63 -7.52 17.22
CA GLY G 82 29.99 -8.76 16.57
C GLY G 82 28.82 -9.69 16.27
N SER G 83 27.59 -9.25 16.58
CA SER G 83 26.38 -10.05 16.33
C SER G 83 25.70 -9.62 15.05
N ILE G 84 24.51 -10.17 14.79
CA ILE G 84 23.76 -9.83 13.60
C ILE G 84 22.37 -9.32 13.99
N THR G 85 22.18 -8.01 14.05
CA THR G 85 20.87 -7.45 14.39
C THR G 85 20.05 -7.11 13.18
N GLU G 86 18.87 -6.55 13.45
CA GLU G 86 17.95 -6.25 12.38
C GLU G 86 17.04 -5.09 12.80
N VAL G 87 16.78 -4.17 11.88
CA VAL G 87 15.94 -3.01 12.14
C VAL G 87 14.78 -3.00 11.15
N CSO G 88 13.57 -2.87 11.70
CA CSO G 88 12.37 -2.82 10.89
CB CSO G 88 11.27 -3.70 11.54
SG CSO G 88 11.65 -5.49 11.77
C CSO G 88 11.96 -1.33 10.92
O CSO G 88 11.93 -0.73 11.99
OD CSO G 88 11.96 -5.58 13.34
N ILE G 89 11.69 -0.72 9.76
CA ILE G 89 11.30 0.68 9.70
C ILE G 89 10.05 0.86 8.86
N THR G 90 9.08 1.62 9.37
CA THR G 90 7.83 1.86 8.64
C THR G 90 7.45 3.31 8.78
N PHE G 91 6.57 3.80 7.93
CA PHE G 91 6.16 5.19 8.04
C PHE G 91 4.80 5.51 7.44
N ASP G 92 4.36 6.74 7.71
CA ASP G 92 3.11 7.25 7.21
C ASP G 92 3.21 8.77 7.13
N GLN G 93 2.07 9.43 6.93
CA GLN G 93 2.02 10.87 6.82
C GLN G 93 2.60 11.59 8.04
N ALA G 94 2.17 11.16 9.22
CA ALA G 94 2.58 11.77 10.48
C ALA G 94 4.01 11.48 10.89
N ASP G 95 4.39 10.21 10.95
CA ASP G 95 5.74 9.86 11.36
C ASP G 95 6.27 8.46 10.99
N LEU G 96 7.57 8.28 11.19
CA LEU G 96 8.21 7.01 10.92
C LEU G 96 8.18 6.17 12.19
N THR G 97 8.19 4.86 12.04
CA THR G 97 8.16 3.98 13.19
C THR G 97 9.32 3.01 13.09
N ILE G 98 10.25 3.13 14.02
CA ILE G 98 11.41 2.25 14.08
C ILE G 98 11.09 1.13 15.07
N LYS G 99 11.25 -0.11 14.64
CA LYS G 99 11.00 -1.24 15.51
C LYS G 99 12.33 -1.98 15.71
N LEU G 100 12.81 -1.98 16.94
CA LEU G 100 14.05 -2.65 17.30
C LEU G 100 13.75 -4.16 17.42
N PRO G 101 14.79 -5.00 17.41
CA PRO G 101 14.67 -6.46 17.51
C PRO G 101 13.94 -7.07 18.74
N ASP G 102 13.90 -6.34 19.85
CA ASP G 102 13.24 -6.83 21.06
C ASP G 102 11.73 -6.65 20.97
N GLY G 103 11.25 -6.22 19.81
CA GLY G 103 9.83 -6.02 19.63
C GLY G 103 9.41 -4.58 19.89
N HIS G 104 10.16 -3.91 20.76
CA HIS G 104 9.92 -2.52 21.14
C HIS G 104 10.04 -1.57 19.96
N GLU G 105 9.22 -0.51 19.96
CA GLU G 105 9.25 0.46 18.86
C GLU G 105 8.91 1.87 19.32
N PHE G 106 9.59 2.85 18.74
CA PHE G 106 9.37 4.26 19.04
C PHE G 106 9.13 5.05 17.76
N LYS G 107 8.65 6.28 17.87
CA LYS G 107 8.37 7.06 16.68
C LYS G 107 9.18 8.34 16.54
N PHE G 108 9.31 8.79 15.31
CA PHE G 108 10.04 10.02 14.97
C PHE G 108 9.21 10.71 13.89
N PRO G 109 8.89 11.99 14.09
CA PRO G 109 8.08 12.75 13.14
C PRO G 109 8.63 12.87 11.73
N ASN G 110 7.72 12.80 10.76
CA ASN G 110 8.07 12.95 9.36
C ASN G 110 8.08 14.47 9.08
N ARG G 111 9.07 15.16 9.65
CA ARG G 111 9.20 16.62 9.49
C ARG G 111 9.13 17.10 8.05
N LEU G 112 9.95 16.53 7.16
CA LEU G 112 9.95 16.92 5.77
C LEU G 112 8.61 16.58 5.14
N ASN G 113 7.94 15.58 5.70
CA ASN G 113 6.64 15.19 5.22
C ASN G 113 6.60 14.59 3.82
N MET G 114 7.52 13.67 3.54
CA MET G 114 7.53 13.06 2.23
C MET G 114 6.63 11.82 2.19
N GLU G 115 6.04 11.55 1.02
CA GLU G 115 5.15 10.41 0.86
C GLU G 115 5.83 9.18 0.30
N ALA G 116 7.12 9.29 -0.02
CA ALA G 116 7.86 8.16 -0.55
C ALA G 116 9.32 8.22 -0.12
N ILE G 117 9.92 7.07 0.12
CA ILE G 117 11.33 6.98 0.52
C ILE G 117 12.05 6.26 -0.62
N ASN G 118 12.99 6.95 -1.27
CA ASN G 118 13.71 6.34 -2.37
C ASN G 118 15.20 6.23 -2.12
N TYR G 119 15.65 6.62 -0.95
CA TYR G 119 17.06 6.56 -0.69
C TYR G 119 17.40 5.96 0.65
N MET G 120 18.43 5.13 0.63
CA MET G 120 18.93 4.50 1.84
C MET G 120 20.44 4.45 1.77
N ALA G 121 21.08 4.62 2.92
CA ALA G 121 22.52 4.57 3.00
C ALA G 121 22.92 4.01 4.36
N ALA G 122 23.83 3.04 4.36
CA ALA G 122 24.32 2.46 5.60
C ALA G 122 25.72 3.03 5.74
N ASP G 123 26.15 3.19 6.98
CA ASP G 123 27.45 3.77 7.25
C ASP G 123 27.81 3.37 8.66
N GLY G 124 29.10 3.19 8.94
CA GLY G 124 29.51 2.82 10.27
C GLY G 124 29.93 1.37 10.46
N ASP G 125 29.86 0.91 11.71
CA ASP G 125 30.25 -0.45 12.04
C ASP G 125 29.08 -1.43 11.86
N PHE G 126 28.45 -1.35 10.71
CA PHE G 126 27.29 -2.18 10.38
C PHE G 126 27.47 -2.70 8.95
N LYS G 127 27.40 -4.03 8.79
CA LYS G 127 27.54 -4.65 7.47
C LYS G 127 26.23 -5.27 7.00
N ILE G 128 25.55 -4.60 6.08
CA ILE G 128 24.28 -5.09 5.54
C ILE G 128 24.40 -6.48 4.93
N LYS G 129 23.45 -7.35 5.24
CA LYS G 129 23.47 -8.71 4.71
C LYS G 129 22.14 -9.07 4.05
N CSO G 130 21.08 -8.38 4.46
CA CSO G 130 19.76 -8.60 3.91
CB CSO G 130 19.05 -9.75 4.64
SG CSO G 130 17.33 -10.07 4.14
C CSO G 130 18.92 -7.33 3.98
O CSO G 130 18.95 -6.61 4.97
OD CSO G 130 16.52 -9.55 5.42
N VAL G 131 18.18 -7.05 2.91
CA VAL G 131 17.28 -5.91 2.83
C VAL G 131 16.02 -6.49 2.24
N ALA G 132 14.90 -6.27 2.90
CA ALA G 132 13.64 -6.79 2.42
C ALA G 132 12.55 -5.74 2.50
N PHE G 133 11.54 -5.88 1.66
CA PHE G 133 10.42 -4.95 1.64
C PHE G 133 9.16 -5.76 1.87
N GLU G 134 8.60 -5.64 3.06
CA GLU G 134 7.38 -6.36 3.42
C GLU G 134 6.20 -5.40 3.31
N GLY H 3 13.54 1.05 -11.58
CA GLY H 3 14.16 -0.18 -10.96
C GLY H 3 15.17 0.14 -9.86
N LEU H 4 15.23 -0.71 -8.83
CA LEU H 4 16.15 -0.51 -7.71
C LEU H 4 17.62 -0.49 -8.08
N VAL H 5 18.37 0.48 -7.57
CA VAL H 5 19.79 0.57 -7.87
C VAL H 5 20.61 0.58 -6.59
N ALA H 6 21.61 -0.28 -6.52
CA ALA H 6 22.45 -0.37 -5.33
C ALA H 6 23.92 -0.31 -5.68
N SER H 7 24.64 0.61 -5.04
CA SER H 7 26.06 0.77 -5.28
C SER H 7 26.86 0.57 -3.99
N ASN H 8 28.17 0.48 -4.12
CA ASN H 8 29.03 0.28 -2.97
C ASN H 8 29.00 -1.13 -2.45
N LEU H 9 28.00 -1.91 -2.83
CA LEU H 9 27.95 -3.30 -2.36
C LEU H 9 29.18 -3.98 -2.94
N ASN H 10 30.18 -4.22 -2.10
CA ASN H 10 31.41 -4.82 -2.60
C ASN H 10 31.45 -6.32 -2.48
N LEU H 11 31.01 -6.99 -3.53
CA LEU H 11 31.02 -8.43 -3.58
C LEU H 11 32.41 -8.86 -3.99
N LYS H 12 33.02 -9.68 -3.14
CA LYS H 12 34.36 -10.17 -3.40
C LYS H 12 34.21 -11.61 -3.88
N PRO H 13 35.14 -12.08 -4.73
CA PRO H 13 35.09 -13.44 -5.26
C PRO H 13 34.73 -14.46 -4.21
N GLY H 14 33.80 -15.35 -4.54
CA GLY H 14 33.42 -16.38 -3.58
C GLY H 14 32.12 -16.05 -2.88
N GLU H 15 31.81 -14.76 -2.74
CA GLU H 15 30.57 -14.34 -2.07
C GLU H 15 29.36 -14.62 -2.96
N CYS H 16 28.20 -14.82 -2.33
CA CYS H 16 26.96 -15.12 -3.05
C CYS H 16 25.90 -14.04 -2.84
N LEU H 17 25.38 -13.52 -3.94
CA LEU H 17 24.36 -12.48 -3.90
C LEU H 17 23.05 -13.12 -4.28
N LYS H 18 22.07 -13.09 -3.38
CA LYS H 18 20.77 -13.66 -3.68
C LYS H 18 19.77 -12.55 -3.88
N VAL H 19 19.03 -12.59 -4.98
CA VAL H 19 18.02 -11.59 -5.27
C VAL H 19 16.68 -12.28 -5.38
N ARG H 20 15.68 -11.76 -4.69
CA ARG H 20 14.34 -12.33 -4.70
C ARG H 20 13.31 -11.27 -5.08
N GLY H 21 12.37 -11.62 -5.95
CA GLY H 21 11.37 -10.64 -6.33
C GLY H 21 10.20 -11.31 -7.03
N GLU H 22 9.20 -10.50 -7.39
CA GLU H 22 8.04 -11.02 -8.08
C GLU H 22 7.86 -10.49 -9.49
N LEU H 23 7.62 -11.42 -10.42
CA LEU H 23 7.42 -11.11 -11.82
C LEU H 23 6.02 -10.55 -12.06
N ALA H 24 5.92 -9.51 -12.89
CA ALA H 24 4.63 -8.90 -13.21
C ALA H 24 3.74 -9.97 -13.85
N PRO H 25 2.41 -9.82 -13.75
CA PRO H 25 1.46 -10.79 -14.30
C PRO H 25 1.58 -11.02 -15.81
N ASP H 26 2.09 -10.02 -16.51
CA ASP H 26 2.25 -10.10 -17.95
C ASP H 26 3.72 -9.84 -18.29
N ALA H 27 4.62 -10.37 -17.47
CA ALA H 27 6.05 -10.18 -17.66
C ALA H 27 6.54 -10.41 -19.10
N LYS H 28 7.14 -9.37 -19.69
CA LYS H 28 7.70 -9.46 -21.04
C LYS H 28 9.19 -9.77 -20.91
N SER H 29 9.83 -9.18 -19.90
CA SER H 29 11.25 -9.41 -19.65
C SER H 29 11.70 -8.56 -18.46
N PHE H 30 12.75 -8.99 -17.79
CA PHE H 30 13.26 -8.23 -16.66
C PHE H 30 14.78 -8.26 -16.71
N VAL H 31 15.42 -7.35 -15.98
CA VAL H 31 16.87 -7.25 -16.00
C VAL H 31 17.57 -7.16 -14.64
N LEU H 32 18.82 -7.63 -14.62
CA LEU H 32 19.67 -7.61 -13.45
C LEU H 32 21.06 -7.24 -13.97
N ASN H 33 21.59 -6.10 -13.54
CA ASN H 33 22.90 -5.67 -14.01
C ASN H 33 23.90 -5.63 -12.87
N LEU H 34 25.10 -6.17 -13.11
CA LEU H 34 26.16 -6.20 -12.10
C LEU H 34 27.48 -5.69 -12.71
N GLY H 35 28.24 -4.90 -11.95
CA GLY H 35 29.49 -4.38 -12.48
C GLY H 35 30.06 -3.30 -11.59
N LYS H 36 30.67 -2.29 -12.21
CA LYS H 36 31.27 -1.19 -11.46
C LYS H 36 30.35 0.02 -11.43
N ASP H 37 29.69 0.22 -12.57
CA ASP H 37 28.76 1.34 -12.76
C ASP H 37 27.84 0.99 -13.93
N SER H 38 26.84 1.83 -14.17
CA SER H 38 25.89 1.58 -15.23
C SER H 38 26.48 1.27 -16.60
N ASN H 39 27.69 1.76 -16.87
CA ASN H 39 28.30 1.53 -18.17
C ASN H 39 29.35 0.45 -18.22
N ASN H 40 29.63 -0.18 -17.10
CA ASN H 40 30.63 -1.24 -17.04
C ASN H 40 30.11 -2.43 -16.28
N LEU H 41 29.35 -3.24 -17.00
CA LEU H 41 28.73 -4.44 -16.44
C LEU H 41 29.44 -5.74 -16.80
N CYS H 42 29.77 -6.51 -15.77
CA CYS H 42 30.40 -7.79 -15.98
C CYS H 42 29.29 -8.80 -16.29
N LEU H 43 28.06 -8.45 -15.93
CA LEU H 43 26.92 -9.30 -16.19
C LEU H 43 25.63 -8.55 -16.44
N HIS H 44 24.97 -8.91 -17.54
CA HIS H 44 23.68 -8.32 -17.90
C HIS H 44 22.77 -9.54 -18.02
N PHE H 45 21.96 -9.77 -16.99
CA PHE H 45 21.06 -10.92 -16.94
C PHE H 45 19.68 -10.52 -17.43
N ASN H 46 19.40 -10.82 -18.70
CA ASN H 46 18.13 -10.44 -19.30
C ASN H 46 17.25 -11.57 -19.79
N PRO H 47 16.50 -12.22 -18.88
CA PRO H 47 15.64 -13.30 -19.36
C PRO H 47 14.44 -12.65 -20.07
N ARG H 48 14.13 -13.12 -21.27
CA ARG H 48 13.04 -12.56 -22.04
C ARG H 48 11.88 -13.53 -22.24
N PHE H 49 10.76 -13.23 -21.59
CA PHE H 49 9.58 -14.08 -21.74
C PHE H 49 9.14 -13.93 -23.19
N ASN H 50 9.19 -12.70 -23.66
CA ASN H 50 8.80 -12.37 -25.02
C ASN H 50 9.17 -10.92 -25.34
N ALA H 51 10.33 -10.73 -25.95
CA ALA H 51 10.79 -9.40 -26.30
C ALA H 51 11.99 -9.45 -27.24
N HIS H 52 12.08 -8.46 -28.14
CA HIS H 52 13.17 -8.37 -29.12
C HIS H 52 13.22 -9.54 -30.11
N GLY H 53 12.12 -10.29 -30.19
CA GLY H 53 12.07 -11.43 -31.09
C GLY H 53 12.45 -12.74 -30.43
N ASP H 54 12.61 -12.72 -29.11
CA ASP H 54 12.97 -13.91 -28.34
C ASP H 54 11.91 -14.27 -27.31
N ALA H 55 11.62 -15.55 -27.19
CA ALA H 55 10.62 -16.01 -26.22
C ALA H 55 11.23 -17.05 -25.30
N ASN H 56 10.86 -17.00 -24.04
CA ASN H 56 11.36 -17.94 -23.04
C ASN H 56 12.84 -18.27 -23.18
N THR H 57 13.64 -17.22 -23.31
CA THR H 57 15.08 -17.39 -23.44
C THR H 57 15.84 -16.35 -22.61
N ILE H 58 16.91 -16.80 -21.97
CA ILE H 58 17.73 -15.92 -21.16
C ILE H 58 18.87 -15.40 -22.01
N VAL H 59 19.04 -14.09 -22.06
CA VAL H 59 20.12 -13.50 -22.81
C VAL H 59 21.11 -12.85 -21.85
N CYS H 60 22.38 -13.24 -21.94
CA CYS H 60 23.41 -12.67 -21.08
C CYS H 60 24.38 -11.85 -21.90
N ASN H 61 25.09 -10.94 -21.24
CA ASN H 61 26.06 -10.12 -21.96
C ASN H 61 26.85 -9.28 -20.96
N SER H 62 27.84 -8.56 -21.47
CA SER H 62 28.67 -7.68 -20.67
C SER H 62 28.73 -6.35 -21.41
N LYS H 63 29.00 -5.27 -20.67
CA LYS H 63 29.10 -3.95 -21.28
C LYS H 63 30.41 -3.29 -20.86
N ASP H 64 31.16 -2.78 -21.84
CA ASP H 64 32.43 -2.12 -21.59
C ASP H 64 32.34 -0.65 -22.01
N ASP H 65 32.47 0.26 -21.04
CA ASP H 65 32.39 1.68 -21.31
C ASP H 65 31.18 2.01 -22.20
N GLY H 66 30.05 1.36 -21.93
CA GLY H 66 28.85 1.62 -22.69
C GLY H 66 28.55 0.78 -23.91
N THR H 67 29.54 0.05 -24.43
CA THR H 67 29.27 -0.76 -25.61
C THR H 67 29.10 -2.24 -25.24
N TRP H 68 28.04 -2.86 -25.77
CA TRP H 68 27.75 -4.26 -25.50
C TRP H 68 28.76 -5.25 -26.06
N GLY H 69 28.83 -6.42 -25.44
CA GLY H 69 29.73 -7.47 -25.88
C GLY H 69 28.97 -8.52 -26.68
N THR H 70 29.53 -9.71 -26.78
CA THR H 70 28.89 -10.80 -27.53
C THR H 70 27.81 -11.44 -26.70
N GLU H 71 26.65 -11.66 -27.29
CA GLU H 71 25.53 -12.29 -26.56
C GLU H 71 25.67 -13.79 -26.40
N GLN H 72 25.33 -14.27 -25.21
CA GLN H 72 25.35 -15.70 -24.90
C GLN H 72 23.94 -16.05 -24.47
N ARG H 73 23.30 -16.98 -25.17
CA ARG H 73 21.93 -17.33 -24.83
C ARG H 73 21.76 -18.68 -24.18
N GLU H 74 20.88 -18.75 -23.18
CA GLU H 74 20.64 -19.99 -22.46
C GLU H 74 19.20 -20.44 -22.67
N THR H 75 19.05 -21.71 -23.02
CA THR H 75 17.76 -22.31 -23.29
C THR H 75 16.91 -22.54 -22.04
N ALA H 76 17.56 -22.85 -20.93
CA ALA H 76 16.87 -23.05 -19.65
C ALA H 76 16.04 -21.82 -19.30
N PHE H 77 14.81 -22.00 -18.85
CA PHE H 77 13.94 -20.85 -18.52
C PHE H 77 12.86 -21.19 -17.50
N PRO H 78 13.25 -21.32 -16.23
CA PRO H 78 12.30 -21.65 -15.16
C PRO H 78 11.56 -20.45 -14.60
N PHE H 79 10.91 -19.67 -15.46
CA PHE H 79 10.18 -18.49 -14.99
C PHE H 79 8.73 -18.46 -15.45
N GLN H 80 7.87 -17.85 -14.63
CA GLN H 80 6.45 -17.73 -14.92
C GLN H 80 5.94 -16.35 -14.51
N PRO H 81 5.12 -15.72 -15.36
CA PRO H 81 4.57 -14.39 -15.04
C PRO H 81 3.75 -14.40 -13.75
N GLY H 82 3.62 -13.25 -13.11
CA GLY H 82 2.85 -13.14 -11.89
C GLY H 82 3.18 -14.12 -10.78
N SER H 83 4.47 -14.42 -10.60
CA SER H 83 4.93 -15.33 -9.56
C SER H 83 6.19 -14.74 -8.91
N ILE H 84 6.66 -15.37 -7.83
CA ILE H 84 7.86 -14.91 -7.15
C ILE H 84 9.01 -15.91 -7.36
N THR H 85 10.18 -15.38 -7.66
CA THR H 85 11.37 -16.21 -7.84
C THR H 85 12.57 -15.51 -7.27
N GLU H 86 13.71 -16.18 -7.39
CA GLU H 86 14.95 -15.62 -6.90
C GLU H 86 16.07 -16.17 -7.75
N VAL H 87 17.16 -15.41 -7.80
CA VAL H 87 18.33 -15.79 -8.58
C VAL H 87 19.52 -15.67 -7.64
N CSO H 88 20.40 -16.65 -7.68
CA CSO H 88 21.60 -16.66 -6.84
CB CSO H 88 21.73 -18.01 -6.11
SG CSO H 88 20.39 -18.46 -4.94
C CSO H 88 22.77 -16.45 -7.83
O CSO H 88 22.83 -17.11 -8.87
OD CSO H 88 19.56 -19.55 -5.78
N ILE H 89 23.68 -15.52 -7.51
CA ILE H 89 24.83 -15.24 -8.37
C ILE H 89 26.14 -15.23 -7.59
N THR H 90 27.14 -15.95 -8.07
CA THR H 90 28.44 -16.00 -7.41
C THR H 90 29.48 -15.65 -8.42
N PHE H 91 30.70 -15.37 -8.01
CA PHE H 91 31.72 -15.05 -9.00
C PHE H 91 33.16 -15.24 -8.56
N ASP H 92 34.05 -15.29 -9.55
CA ASP H 92 35.49 -15.44 -9.35
C ASP H 92 36.16 -15.00 -10.64
N GLN H 93 37.47 -14.84 -10.61
CA GLN H 93 38.24 -14.41 -11.79
C GLN H 93 37.74 -15.11 -13.07
N ALA H 94 37.54 -16.42 -12.95
CA ALA H 94 37.09 -17.26 -14.06
C ALA H 94 35.86 -16.71 -14.73
N ASP H 95 34.73 -16.91 -14.06
CA ASP H 95 33.44 -16.44 -14.56
C ASP H 95 32.40 -16.33 -13.44
N LEU H 96 31.22 -15.84 -13.80
CA LEU H 96 30.16 -15.72 -12.82
C LEU H 96 29.32 -16.98 -12.96
N THR H 97 28.63 -17.34 -11.88
CA THR H 97 27.79 -18.53 -11.91
C THR H 97 26.36 -18.19 -11.53
N ILE H 98 25.47 -18.18 -12.52
CA ILE H 98 24.07 -17.88 -12.25
C ILE H 98 23.38 -19.19 -11.85
N LYS H 99 22.70 -19.16 -10.71
CA LYS H 99 22.01 -20.34 -10.22
C LYS H 99 20.51 -20.08 -10.23
N LEU H 100 19.80 -20.77 -11.12
CA LEU H 100 18.35 -20.61 -11.25
C LEU H 100 17.57 -21.33 -10.15
N PRO H 101 16.37 -20.83 -9.83
CA PRO H 101 15.50 -21.40 -8.80
C PRO H 101 15.11 -22.85 -9.02
N ASP H 102 15.16 -23.30 -10.26
CA ASP H 102 14.78 -24.67 -10.57
C ASP H 102 15.94 -25.63 -10.36
N GLY H 103 17.01 -25.16 -9.72
CA GLY H 103 18.13 -26.04 -9.45
C GLY H 103 19.40 -25.87 -10.26
N HIS H 104 19.32 -26.00 -11.58
CA HIS H 104 20.53 -25.90 -12.38
C HIS H 104 21.06 -24.49 -12.60
N GLU H 105 22.37 -24.44 -12.79
CA GLU H 105 23.12 -23.20 -12.96
C GLU H 105 24.02 -23.26 -14.19
N PHE H 106 24.34 -22.09 -14.74
CA PHE H 106 25.22 -22.02 -15.91
C PHE H 106 26.26 -20.94 -15.66
N LYS H 107 27.28 -20.89 -16.50
CA LYS H 107 28.33 -19.91 -16.31
C LYS H 107 28.47 -18.90 -17.44
N PHE H 108 28.97 -17.73 -17.08
CA PHE H 108 29.18 -16.64 -18.00
C PHE H 108 30.56 -16.08 -17.65
N PRO H 109 31.47 -16.05 -18.62
CA PRO H 109 32.84 -15.55 -18.46
C PRO H 109 32.97 -14.09 -17.99
N ASN H 110 33.87 -13.87 -17.04
CA ASN H 110 34.13 -12.54 -16.48
C ASN H 110 35.05 -11.74 -17.43
N ARG H 111 34.53 -11.44 -18.62
CA ARG H 111 35.26 -10.71 -19.64
C ARG H 111 36.00 -9.45 -19.18
N LEU H 112 35.31 -8.54 -18.51
CA LEU H 112 35.93 -7.31 -18.03
C LEU H 112 37.01 -7.58 -16.98
N ASN H 113 37.10 -8.84 -16.57
CA ASN H 113 38.11 -9.27 -15.61
C ASN H 113 38.15 -8.47 -14.31
N MET H 114 36.99 -8.10 -13.79
CA MET H 114 36.98 -7.34 -12.55
C MET H 114 36.93 -8.26 -11.35
N GLU H 115 37.52 -7.82 -10.25
CA GLU H 115 37.56 -8.62 -9.04
C GLU H 115 36.70 -8.12 -7.89
N ALA H 116 35.63 -7.39 -8.21
CA ALA H 116 34.73 -6.89 -7.18
C ALA H 116 33.48 -6.24 -7.77
N ILE H 117 32.32 -6.86 -7.56
CA ILE H 117 31.07 -6.28 -8.04
C ILE H 117 30.77 -5.17 -7.05
N ASN H 118 30.40 -4.00 -7.54
CA ASN H 118 30.10 -2.87 -6.67
C ASN H 118 28.79 -2.21 -7.05
N TYR H 119 28.28 -2.56 -8.22
CA TYR H 119 27.05 -1.98 -8.71
C TYR H 119 26.03 -3.05 -9.04
N MET H 120 24.76 -2.72 -8.81
CA MET H 120 23.67 -3.63 -9.10
C MET H 120 22.45 -2.81 -9.48
N ALA H 121 21.69 -3.30 -10.46
CA ALA H 121 20.51 -2.58 -10.90
C ALA H 121 19.48 -3.55 -11.44
N ALA H 122 18.24 -3.39 -11.01
CA ALA H 122 17.16 -4.23 -11.47
C ALA H 122 16.33 -3.41 -12.45
N ASP H 123 15.80 -4.06 -13.48
CA ASP H 123 14.99 -3.37 -14.47
C ASP H 123 13.96 -4.34 -15.04
N GLY H 124 12.99 -3.81 -15.78
CA GLY H 124 11.98 -4.67 -16.39
C GLY H 124 10.78 -4.97 -15.52
N ASP H 125 10.10 -6.07 -15.80
CA ASP H 125 8.93 -6.47 -15.04
C ASP H 125 9.29 -7.35 -13.86
N PHE H 126 10.11 -6.81 -12.96
CA PHE H 126 10.55 -7.56 -11.81
C PHE H 126 10.60 -6.63 -10.62
N LYS H 127 9.82 -6.92 -9.58
CA LYS H 127 9.80 -6.08 -8.39
C LYS H 127 10.53 -6.80 -7.25
N ILE H 128 11.67 -6.26 -6.85
CA ILE H 128 12.47 -6.84 -5.77
C ILE H 128 11.82 -6.77 -4.40
N LYS H 129 11.91 -7.87 -3.65
CA LYS H 129 11.33 -7.90 -2.32
C LYS H 129 12.42 -8.14 -1.27
N CSO H 130 13.45 -8.88 -1.68
CA CSO H 130 14.53 -9.21 -0.77
CB CSO H 130 14.27 -10.59 -0.15
SG CSO H 130 15.67 -11.35 0.72
C CSO H 130 15.84 -9.22 -1.53
O CSO H 130 15.87 -9.44 -2.73
OD CSO H 130 16.02 -12.57 -0.27
N VAL H 131 16.94 -8.97 -0.82
CA VAL H 131 18.28 -8.99 -1.39
C VAL H 131 19.17 -9.42 -0.25
N ALA H 132 19.94 -10.48 -0.44
CA ALA H 132 20.82 -10.97 0.62
C ALA H 132 22.25 -11.12 0.14
N PHE H 133 23.19 -11.02 1.07
CA PHE H 133 24.60 -11.14 0.77
C PHE H 133 25.18 -12.22 1.66
N GLU H 134 25.11 -13.46 1.21
CA GLU H 134 25.65 -14.56 1.99
C GLU H 134 26.83 -15.21 1.27
C2 BGC I . -31.47 -30.60 -13.42
C3 BGC I . -32.26 -30.42 -12.12
C4 BGC I . -31.62 -29.32 -11.28
C5 BGC I . -31.46 -28.00 -12.09
C6 BGC I . -30.68 -26.93 -11.35
C1 BGC I . -31.43 -29.24 -14.15
O1 BGC I . -30.73 -29.36 -15.34
O2 BGC I . -32.11 -31.58 -14.22
O3 BGC I . -32.29 -31.64 -11.40
O4 BGC I . -32.48 -29.07 -10.15
O5 BGC I . -30.77 -28.26 -13.33
O6 BGC I . -31.41 -25.72 -11.23
C1 GAL I . -31.90 -28.73 -8.94
C2 GAL I . -33.02 -28.67 -7.89
C3 GAL I . -32.46 -28.54 -6.47
C4 GAL I . -31.36 -29.58 -6.22
C5 GAL I . -30.31 -29.51 -7.33
C6 GAL I . -29.19 -30.54 -7.17
O2 GAL I . -33.87 -27.57 -8.18
O3 GAL I . -33.53 -28.73 -5.54
O4 GAL I . -31.95 -30.88 -6.16
O5 GAL I . -30.92 -29.73 -8.62
O6 GAL I . -28.70 -31.01 -8.42
C2 BGC J . 18.20 37.74 8.25
C3 BGC J . 18.32 37.13 6.85
C4 BGC J . 18.26 35.58 6.85
C5 BGC J . 17.15 35.07 7.78
C6 BGC J . 17.25 33.57 7.97
C1 BGC J . 17.08 37.08 9.05
O1 BGC J . 17.09 37.55 10.35
O2 BGC J . 17.94 39.13 8.12
O3 BGC J . 19.54 37.54 6.26
O4 BGC J . 17.99 35.13 5.51
O5 BGC J . 17.27 35.67 9.08
O6 BGC J . 18.59 33.16 8.25
C1 GAL J . 18.86 34.20 4.97
C2 GAL J . 18.45 33.90 3.51
C3 GAL J . 19.48 32.97 2.89
C4 GAL J . 20.85 33.63 2.97
C5 GAL J . 21.18 33.89 4.44
C6 GAL J . 22.53 34.56 4.63
O2 GAL J . 17.15 33.30 3.45
O3 GAL J . 19.13 32.67 1.55
O4 GAL J . 20.84 34.87 2.25
O5 GAL J . 20.18 34.77 5.02
O6 GAL J . 23.06 34.29 5.92
C2 BGC K . 38.97 4.51 -31.69
C3 BGC K . 39.22 5.41 -30.47
C4 BGC K . 38.26 5.03 -29.33
C5 BGC K . 38.30 3.51 -29.05
C6 BGC K . 37.23 3.06 -28.07
C1 BGC K . 39.07 3.05 -31.27
O1 BGC K . 38.82 2.23 -32.37
O2 BGC K . 39.92 4.79 -32.70
O3 BGC K . 39.00 6.77 -30.84
O4 BGC K . 38.65 5.74 -28.13
O5 BGC K . 38.09 2.77 -30.27
O6 BGC K . 35.93 3.14 -28.65
C1 GAL K . 37.63 6.42 -27.47
C2 GAL K . 38.21 7.11 -26.22
C3 GAL K . 37.15 8.02 -25.57
C4 GAL K . 36.59 8.98 -26.61
C5 GAL K . 36.04 8.18 -27.79
C6 GAL K . 35.46 9.04 -28.90
O2 GAL K . 38.61 6.13 -25.28
O3 GAL K . 37.74 8.75 -24.51
O4 GAL K . 37.62 9.86 -27.05
O5 GAL K . 37.10 7.40 -28.38
O6 GAL K . 35.06 8.24 -30.02
C2 BGC L . -13.12 -17.70 -12.69
C3 BGC L . -12.97 -17.01 -11.36
C4 BGC L . -13.83 -17.71 -10.30
C5 BGC L . -13.40 -19.18 -10.24
C6 BGC L . -14.18 -20.04 -9.24
C1 BGC L . -12.77 -19.18 -12.56
O1 BGC L . -13.07 -19.81 -13.76
O2 BGC L . -12.26 -17.09 -13.64
O3 BGC L . -13.36 -15.66 -11.49
O4 BGC L . -13.60 -17.09 -9.02
O5 BGC L . -13.58 -19.78 -11.55
O6 BGC L . -15.48 -19.52 -8.96
C1 GAL L . -14.63 -16.39 -8.40
C2 GAL L . -14.01 -15.56 -7.28
C3 GAL L . -15.03 -14.60 -6.65
C4 GAL L . -15.76 -13.81 -7.72
C5 GAL L . -16.32 -14.73 -8.79
C6 GAL L . -16.92 -13.90 -9.92
O2 GAL L . -13.48 -16.42 -6.28
O3 GAL L . -14.33 -13.70 -5.78
O4 GAL L . -14.86 -12.90 -8.32
O5 GAL L . -15.26 -15.53 -9.36
O6 GAL L . -16.95 -14.63 -11.14
C2 BGC M . 19.88 -8.91 -30.83
C3 BGC M . 19.16 -8.32 -29.62
C4 BGC M . 19.88 -7.06 -29.14
C5 BGC M . 20.10 -6.07 -30.30
C6 BGC M . 21.01 -4.92 -29.88
C1 BGC M . 20.01 -7.85 -31.91
O1 BGC M . 20.70 -8.35 -33.00
O2 BGC M . 19.16 -10.03 -31.32
O3 BGC M . 19.11 -9.29 -28.58
O4 BGC M . 19.08 -6.44 -28.11
O5 BGC M . 20.76 -6.73 -31.40
O6 BGC M . 20.90 -3.81 -30.78
C1 GAL M . 19.74 -5.85 -27.04
C2 GAL M . 18.73 -5.13 -26.15
C3 GAL M . 19.44 -4.49 -24.98
C4 GAL M . 20.25 -5.54 -24.21
C5 GAL M . 21.17 -6.35 -25.16
C6 GAL M . 21.81 -7.54 -24.45
O2 GAL M . 18.03 -4.15 -26.90
O3 GAL M . 18.48 -3.87 -24.12
O4 GAL M . 19.37 -6.43 -23.53
O5 GAL M . 20.41 -6.88 -26.28
O6 GAL M . 23.02 -7.92 -25.06
#